data_3FOD
# 
_entry.id   3FOD 
# 
_audit_conform.dict_name       mmcif_pdbx.dic 
_audit_conform.dict_version    5.389 
_audit_conform.dict_location   http://mmcif.pdb.org/dictionaries/ascii/mmcif_pdbx.dic 
# 
loop_
_database_2.database_id 
_database_2.database_code 
_database_2.pdbx_database_accession 
_database_2.pdbx_DOI 
PDB   3FOD         pdb_00003fod 10.2210/pdb3fod/pdb 
RCSB  RCSB050839   ?            ?                   
WWPDB D_1000050839 ?            ?                   
# 
loop_
_pdbx_audit_revision_history.ordinal 
_pdbx_audit_revision_history.data_content_type 
_pdbx_audit_revision_history.major_revision 
_pdbx_audit_revision_history.minor_revision 
_pdbx_audit_revision_history.revision_date 
1 'Structure model' 1 0 2009-05-19 
2 'Structure model' 1 1 2011-07-13 
3 'Structure model' 1 2 2024-02-21 
4 'Structure model' 1 3 2024-04-03 
# 
_pdbx_audit_revision_details.ordinal             1 
_pdbx_audit_revision_details.revision_ordinal    1 
_pdbx_audit_revision_details.data_content_type   'Structure model' 
_pdbx_audit_revision_details.provider            repository 
_pdbx_audit_revision_details.type                'Initial release' 
_pdbx_audit_revision_details.description         ? 
_pdbx_audit_revision_details.details             ? 
# 
loop_
_pdbx_audit_revision_group.ordinal 
_pdbx_audit_revision_group.revision_ordinal 
_pdbx_audit_revision_group.data_content_type 
_pdbx_audit_revision_group.group 
1 2 'Structure model' 'Version format compliance' 
2 3 'Structure model' 'Data collection'           
3 3 'Structure model' 'Database references'       
4 4 'Structure model' 'Refinement description'    
# 
loop_
_pdbx_audit_revision_category.ordinal 
_pdbx_audit_revision_category.revision_ordinal 
_pdbx_audit_revision_category.data_content_type 
_pdbx_audit_revision_category.category 
1 3 'Structure model' chem_comp_atom                
2 3 'Structure model' chem_comp_bond                
3 3 'Structure model' database_2                    
4 4 'Structure model' pdbx_initial_refinement_model 
# 
loop_
_pdbx_audit_revision_item.ordinal 
_pdbx_audit_revision_item.revision_ordinal 
_pdbx_audit_revision_item.data_content_type 
_pdbx_audit_revision_item.item 
1 3 'Structure model' '_database_2.pdbx_DOI'                
2 3 'Structure model' '_database_2.pdbx_database_accession' 
# 
_pdbx_database_status.status_code                     REL 
_pdbx_database_status.entry_id                        3FOD 
_pdbx_database_status.recvd_initial_deposition_date   2008-12-29 
_pdbx_database_status.deposit_site                    RCSB 
_pdbx_database_status.process_site                    RCSB 
_pdbx_database_status.status_code_sf                  REL 
_pdbx_database_status.status_code_mr                  ? 
_pdbx_database_status.SG_entry                        ? 
_pdbx_database_status.pdb_format_compatible           Y 
_pdbx_database_status.status_code_cs                  ? 
_pdbx_database_status.status_code_nmr_data            ? 
_pdbx_database_status.methods_development_category    ? 
# 
loop_
_pdbx_database_related.db_name 
_pdbx_database_related.db_id 
_pdbx_database_related.details 
_pdbx_database_related.content_type 
PDB 3DGJ 'another segment from Islet Amyloid Polypeptide (NNFGAIL)' unspecified 
PDB 3DG1 'another segment from Islet Amyloid Polypeptide (SSTNVG)'  unspecified 
# 
loop_
_audit_author.name 
_audit_author.pdbx_ordinal 
'Wiltzius, J.J.W.' 1 
'Sawaya, M.R.'     2 
'Rajashankar, K.'  3 
'Eisenberg, D.'    4 
# 
_citation.id                        primary 
_citation.title                     'Molecular mechanisms for protein-encoded inheritance.' 
_citation.journal_abbrev            Nat.Struct.Mol.Biol. 
_citation.journal_volume            16 
_citation.page_first                973 
_citation.page_last                 978 
_citation.year                      2009 
_citation.journal_id_ASTM           ? 
_citation.country                   US 
_citation.journal_id_ISSN           1545-9993 
_citation.journal_id_CSD            ? 
_citation.book_publisher            ? 
_citation.pdbx_database_id_PubMed   19684598 
_citation.pdbx_database_id_DOI      10.1038/nsmb.1643 
# 
loop_
_citation_author.citation_id 
_citation_author.name 
_citation_author.ordinal 
_citation_author.identifier_ORCID 
primary 'Wiltzius, J.J.'  1  ? 
primary 'Landau, M.'      2  ? 
primary 'Nelson, R.'      3  ? 
primary 'Sawaya, M.R.'    4  ? 
primary 'Apostol, M.I.'   5  ? 
primary 'Goldschmidt, L.' 6  ? 
primary 'Soriaga, A.B.'   7  ? 
primary 'Cascio, D.'      8  ? 
primary 'Rajashankar, K.' 9  ? 
primary 'Eisenberg, D.'   10 ? 
# 
loop_
_entity.id 
_entity.type 
_entity.src_method 
_entity.pdbx_description 
_entity.formula_weight 
_entity.pdbx_number_of_molecules 
_entity.pdbx_ec 
_entity.pdbx_mutation 
_entity.pdbx_fragment 
_entity.details 
1 polymer syn 'AILSST hexapeptide segment from Islet Amyloid Polypeptide' 590.668 8  ? ? 'AILSST residues 25-30' ? 
2 water   nat water                                                       18.015  67 ? ? ?                       ? 
# 
_entity_poly.entity_id                      1 
_entity_poly.type                           'polypeptide(L)' 
_entity_poly.nstd_linkage                   no 
_entity_poly.nstd_monomer                   no 
_entity_poly.pdbx_seq_one_letter_code       AILSST 
_entity_poly.pdbx_seq_one_letter_code_can   AILSST 
_entity_poly.pdbx_strand_id                 A,B,C,D,E,F,G,H 
_entity_poly.pdbx_target_identifier         ? 
# 
_pdbx_entity_nonpoly.entity_id   2 
_pdbx_entity_nonpoly.name        water 
_pdbx_entity_nonpoly.comp_id     HOH 
# 
loop_
_entity_poly_seq.entity_id 
_entity_poly_seq.num 
_entity_poly_seq.mon_id 
_entity_poly_seq.hetero 
1 1 ALA n 
1 2 ILE n 
1 3 LEU n 
1 4 SER n 
1 5 SER n 
1 6 THR n 
# 
_pdbx_entity_src_syn.entity_id              1 
_pdbx_entity_src_syn.pdbx_src_id            1 
_pdbx_entity_src_syn.pdbx_alt_source_flag   sample 
_pdbx_entity_src_syn.pdbx_beg_seq_num       ? 
_pdbx_entity_src_syn.pdbx_end_seq_num       ? 
_pdbx_entity_src_syn.organism_scientific    ? 
_pdbx_entity_src_syn.organism_common_name   ? 
_pdbx_entity_src_syn.ncbi_taxonomy_id       ? 
_pdbx_entity_src_syn.details                'residues 25-30 (AILSST) from human Islet Amyloid Polypeptide, synthesized' 
# 
loop_
_chem_comp.id 
_chem_comp.type 
_chem_comp.mon_nstd_flag 
_chem_comp.name 
_chem_comp.pdbx_synonyms 
_chem_comp.formula 
_chem_comp.formula_weight 
ALA 'L-peptide linking' y ALANINE    ? 'C3 H7 N O2'  89.093  
HOH non-polymer         . WATER      ? 'H2 O'        18.015  
ILE 'L-peptide linking' y ISOLEUCINE ? 'C6 H13 N O2' 131.173 
LEU 'L-peptide linking' y LEUCINE    ? 'C6 H13 N O2' 131.173 
SER 'L-peptide linking' y SERINE     ? 'C3 H7 N O3'  105.093 
THR 'L-peptide linking' y THREONINE  ? 'C4 H9 N O3'  119.119 
# 
loop_
_pdbx_poly_seq_scheme.asym_id 
_pdbx_poly_seq_scheme.entity_id 
_pdbx_poly_seq_scheme.seq_id 
_pdbx_poly_seq_scheme.mon_id 
_pdbx_poly_seq_scheme.ndb_seq_num 
_pdbx_poly_seq_scheme.pdb_seq_num 
_pdbx_poly_seq_scheme.auth_seq_num 
_pdbx_poly_seq_scheme.pdb_mon_id 
_pdbx_poly_seq_scheme.auth_mon_id 
_pdbx_poly_seq_scheme.pdb_strand_id 
_pdbx_poly_seq_scheme.pdb_ins_code 
_pdbx_poly_seq_scheme.hetero 
A 1 1 ALA 1 1 1 ALA ALA A . n 
A 1 2 ILE 2 2 2 ILE ILE A . n 
A 1 3 LEU 3 3 3 LEU LEU A . n 
A 1 4 SER 4 4 4 SER SER A . n 
A 1 5 SER 5 5 5 SER SER A . n 
A 1 6 THR 6 6 6 THR THR A . n 
B 1 1 ALA 1 1 1 ALA ALA B . n 
B 1 2 ILE 2 2 2 ILE ILE B . n 
B 1 3 LEU 3 3 3 LEU LEU B . n 
B 1 4 SER 4 4 4 SER SER B . n 
B 1 5 SER 5 5 5 SER SER B . n 
B 1 6 THR 6 6 6 THR THR B . n 
C 1 1 ALA 1 1 1 ALA ALA C . n 
C 1 2 ILE 2 2 2 ILE ILE C . n 
C 1 3 LEU 3 3 3 LEU LEU C . n 
C 1 4 SER 4 4 4 SER SER C . n 
C 1 5 SER 5 5 5 SER SER C . n 
C 1 6 THR 6 6 6 THR THR C . n 
D 1 1 ALA 1 1 1 ALA ALA D . n 
D 1 2 ILE 2 2 2 ILE ILE D . n 
D 1 3 LEU 3 3 3 LEU LEU D . n 
D 1 4 SER 4 4 4 SER SER D . n 
D 1 5 SER 5 5 5 SER SER D . n 
D 1 6 THR 6 6 6 THR THR D . n 
E 1 1 ALA 1 1 1 ALA ALA E . n 
E 1 2 ILE 2 2 2 ILE ILE E . n 
E 1 3 LEU 3 3 3 LEU LEU E . n 
E 1 4 SER 4 4 4 SER SER E . n 
E 1 5 SER 5 5 5 SER SER E . n 
E 1 6 THR 6 6 6 THR THR E . n 
F 1 1 ALA 1 1 1 ALA ALA F . n 
F 1 2 ILE 2 2 2 ILE ILE F . n 
F 1 3 LEU 3 3 3 LEU LEU F . n 
F 1 4 SER 4 4 4 SER SER F . n 
F 1 5 SER 5 5 5 SER SER F . n 
F 1 6 THR 6 6 6 THR THR F . n 
G 1 1 ALA 1 1 1 ALA ALA G . n 
G 1 2 ILE 2 2 2 ILE ILE G . n 
G 1 3 LEU 3 3 3 LEU LEU G . n 
G 1 4 SER 4 4 4 SER SER G . n 
G 1 5 SER 5 5 5 SER SER G . n 
G 1 6 THR 6 6 6 THR THR G . n 
H 1 1 ALA 1 1 1 ALA ALA H . n 
H 1 2 ILE 2 2 2 ILE ILE H . n 
H 1 3 LEU 3 3 3 LEU LEU H . n 
H 1 4 SER 4 4 4 SER SER H . n 
H 1 5 SER 5 5 5 SER SER H . n 
H 1 6 THR 6 6 6 THR THR H . n 
# 
loop_
_pdbx_nonpoly_scheme.asym_id 
_pdbx_nonpoly_scheme.entity_id 
_pdbx_nonpoly_scheme.mon_id 
_pdbx_nonpoly_scheme.ndb_seq_num 
_pdbx_nonpoly_scheme.pdb_seq_num 
_pdbx_nonpoly_scheme.auth_seq_num 
_pdbx_nonpoly_scheme.pdb_mon_id 
_pdbx_nonpoly_scheme.auth_mon_id 
_pdbx_nonpoly_scheme.pdb_strand_id 
_pdbx_nonpoly_scheme.pdb_ins_code 
I 2 HOH 1  7  7  HOH HOH A . 
I 2 HOH 2  8  8  HOH HOH A . 
I 2 HOH 3  9  9  HOH HOH A . 
I 2 HOH 4  10 10 HOH HOH A . 
I 2 HOH 5  11 11 HOH HOH A . 
I 2 HOH 6  12 1  HOH HOH A . 
I 2 HOH 7  13 2  HOH HOH A . 
I 2 HOH 8  14 3  HOH HOH A . 
I 2 HOH 9  15 4  HOH HOH A . 
I 2 HOH 10 16 5  HOH HOH A . 
I 2 HOH 11 17 6  HOH HOH A . 
J 2 HOH 1  12 12 HOH HOH B . 
J 2 HOH 2  13 13 HOH HOH B . 
J 2 HOH 3  14 14 HOH HOH B . 
J 2 HOH 4  15 15 HOH HOH B . 
J 2 HOH 5  16 16 HOH HOH B . 
J 2 HOH 6  17 17 HOH HOH B . 
J 2 HOH 7  18 18 HOH HOH B . 
K 2 HOH 1  19 19 HOH HOH C . 
K 2 HOH 2  20 20 HOH HOH C . 
K 2 HOH 3  21 21 HOH HOH C . 
K 2 HOH 4  22 22 HOH HOH C . 
K 2 HOH 5  23 23 HOH HOH C . 
K 2 HOH 6  24 24 HOH HOH C . 
K 2 HOH 7  25 25 HOH HOH C . 
K 2 HOH 8  26 26 HOH HOH C . 
K 2 HOH 9  27 27 HOH HOH C . 
K 2 HOH 10 28 28 HOH HOH C . 
L 2 HOH 1  29 29 HOH HOH D . 
L 2 HOH 2  30 30 HOH HOH D . 
L 2 HOH 3  31 31 HOH HOH D . 
L 2 HOH 4  32 32 HOH HOH D . 
L 2 HOH 5  33 33 HOH HOH D . 
M 2 HOH 1  34 34 HOH HOH E . 
M 2 HOH 2  35 35 HOH HOH E . 
M 2 HOH 3  36 36 HOH HOH E . 
M 2 HOH 4  37 37 HOH HOH E . 
M 2 HOH 5  38 38 HOH HOH E . 
M 2 HOH 6  39 39 HOH HOH E . 
M 2 HOH 7  40 40 HOH HOH E . 
N 2 HOH 1  41 41 HOH HOH F . 
N 2 HOH 2  42 42 HOH HOH F . 
N 2 HOH 3  43 43 HOH HOH F . 
N 2 HOH 4  44 44 HOH HOH F . 
N 2 HOH 5  45 45 HOH HOH F . 
N 2 HOH 6  46 46 HOH HOH F . 
N 2 HOH 7  47 47 HOH HOH F . 
N 2 HOH 8  48 48 HOH HOH F . 
N 2 HOH 9  49 49 HOH HOH F . 
N 2 HOH 10 50 50 HOH HOH F . 
N 2 HOH 11 51 51 HOH HOH F . 
O 2 HOH 1  52 52 HOH HOH G . 
O 2 HOH 2  53 53 HOH HOH G . 
O 2 HOH 3  54 54 HOH HOH G . 
O 2 HOH 4  55 55 HOH HOH G . 
O 2 HOH 5  56 56 HOH HOH G . 
O 2 HOH 6  57 57 HOH HOH G . 
O 2 HOH 7  58 58 HOH HOH G . 
O 2 HOH 8  59 59 HOH HOH G . 
O 2 HOH 9  60 60 HOH HOH G . 
O 2 HOH 10 61 61 HOH HOH G . 
O 2 HOH 11 62 62 HOH HOH G . 
O 2 HOH 12 63 63 HOH HOH G . 
P 2 HOH 1  64 64 HOH HOH H . 
P 2 HOH 2  65 65 HOH HOH H . 
P 2 HOH 3  66 66 HOH HOH H . 
P 2 HOH 4  67 67 HOH HOH H . 
# 
loop_
_software.name 
_software.classification 
_software.version 
_software.citation_id 
_software.pdbx_ordinal 
ADSC      'data collection' Quantum  ? 1 
PHASER    phasing           .        ? 2 
REFMAC    refinement        5.4.0066 ? 3 
DENZO     'data reduction'  .        ? 4 
SCALEPACK 'data scaling'    .        ? 5 
# 
_cell.entry_id           3FOD 
_cell.length_a           9.542 
_cell.length_b           86.654 
_cell.length_c           19.482 
_cell.angle_alpha        90.00 
_cell.angle_beta         90.01 
_cell.angle_gamma        90.00 
_cell.Z_PDB              16 
_cell.pdbx_unique_axis   ? 
_cell.length_a_esd       ? 
_cell.length_b_esd       ? 
_cell.length_c_esd       ? 
_cell.angle_alpha_esd    ? 
_cell.angle_beta_esd     ? 
_cell.angle_gamma_esd    ? 
# 
_symmetry.entry_id                         3FOD 
_symmetry.space_group_name_H-M             'P 1 21 1' 
_symmetry.pdbx_full_space_group_name_H-M   ? 
_symmetry.cell_setting                     ? 
_symmetry.Int_Tables_number                4 
_symmetry.space_group_name_Hall            ? 
# 
_exptl.entry_id          3FOD 
_exptl.method            'X-RAY DIFFRACTION' 
_exptl.crystals_number   1 
# 
_exptl_crystal.id                    1 
_exptl_crystal.density_meas          ? 
_exptl_crystal.density_Matthews      1.70 
_exptl_crystal.density_percent_sol   28.0 
_exptl_crystal.description           ? 
_exptl_crystal.F_000                 ? 
_exptl_crystal.preparation           ? 
# 
_exptl_crystal_grow.crystal_id      1 
_exptl_crystal_grow.method          'VAPOR DIFFUSION, HANGING DROP' 
_exptl_crystal_grow.temp            298 
_exptl_crystal_grow.temp_details    ? 
_exptl_crystal_grow.pH              5.9 
_exptl_crystal_grow.pdbx_details    
'reservoir contained 0.2M magnesium nitrate, 20% PEG3350, pH 5.9, VAPOR DIFFUSION, HANGING DROP, temperature 298K' 
_exptl_crystal_grow.pdbx_pH_range   ? 
# 
_diffrn.id                     1 
_diffrn.ambient_temp           100 
_diffrn.ambient_temp_details   ? 
_diffrn.crystal_id             1 
# 
_diffrn_detector.diffrn_id              1 
_diffrn_detector.detector               CCD 
_diffrn_detector.type                   'ADSC QUANTUM 315' 
_diffrn_detector.pdbx_collection_date   2008-10-29 
_diffrn_detector.details                ? 
# 
_diffrn_radiation.diffrn_id                        1 
_diffrn_radiation.wavelength_id                    1 
_diffrn_radiation.pdbx_monochromatic_or_laue_m_l   M 
_diffrn_radiation.monochromator                    ? 
_diffrn_radiation.pdbx_diffrn_protocol             'SINGLE WAVELENGTH' 
_diffrn_radiation.pdbx_scattering_type             x-ray 
# 
_diffrn_radiation_wavelength.id           1 
_diffrn_radiation_wavelength.wavelength   0.9795 
_diffrn_radiation_wavelength.wt           1.0 
# 
_diffrn_source.diffrn_id                   1 
_diffrn_source.source                      SYNCHROTRON 
_diffrn_source.type                        'APS BEAMLINE 24-ID-E' 
_diffrn_source.pdbx_synchrotron_site       APS 
_diffrn_source.pdbx_synchrotron_beamline   24-ID-E 
_diffrn_source.pdbx_wavelength             ? 
_diffrn_source.pdbx_wavelength_list        0.9795 
# 
_reflns.entry_id                     3FOD 
_reflns.observed_criterion_sigma_I   0 
_reflns.observed_criterion_sigma_F   0 
_reflns.d_resolution_low             43.31 
_reflns.d_resolution_high            1.40 
_reflns.number_obs                   5268 
_reflns.number_all                   5268 
_reflns.percent_possible_obs         84.5 
_reflns.pdbx_Rmerge_I_obs            0.158 
_reflns.pdbx_Rsym_value              ? 
_reflns.pdbx_netI_over_sigmaI        8 
_reflns.B_iso_Wilson_estimate        ? 
_reflns.pdbx_redundancy              2.7 
_reflns.R_free_details               ? 
_reflns.limit_h_max                  ? 
_reflns.limit_h_min                  ? 
_reflns.limit_k_max                  ? 
_reflns.limit_k_min                  ? 
_reflns.limit_l_max                  ? 
_reflns.limit_l_min                  ? 
_reflns.observed_criterion_F_max     ? 
_reflns.observed_criterion_F_min     ? 
_reflns.pdbx_chi_squared             ? 
_reflns.pdbx_scaling_rejects         ? 
_reflns.pdbx_diffrn_id               1 
_reflns.pdbx_ordinal                 1 
# 
_reflns_shell.d_res_high             1.40 
_reflns_shell.d_res_low              1.45 
_reflns_shell.percent_possible_all   85.5 
_reflns_shell.Rmerge_I_obs           0.356 
_reflns_shell.pdbx_Rsym_value        ? 
_reflns_shell.meanI_over_sigI_obs    2 
_reflns_shell.pdbx_redundancy        2.5 
_reflns_shell.percent_possible_obs   ? 
_reflns_shell.number_unique_all      518 
_reflns_shell.number_measured_all    ? 
_reflns_shell.number_measured_obs    ? 
_reflns_shell.number_unique_obs      ? 
_reflns_shell.pdbx_chi_squared       ? 
_reflns_shell.pdbx_diffrn_id         ? 
_reflns_shell.pdbx_ordinal           1 
# 
_refine.entry_id                                 3FOD 
_refine.ls_number_reflns_obs                     4723 
_refine.ls_number_reflns_all                     ? 
_refine.pdbx_ls_sigma_I                          0 
_refine.pdbx_ls_sigma_F                          0 
_refine.pdbx_data_cutoff_high_absF               ? 
_refine.pdbx_data_cutoff_low_absF                ? 
_refine.pdbx_data_cutoff_high_rms_absF           ? 
_refine.ls_d_res_low                             43.0 
_refine.ls_d_res_high                            1.40 
_refine.ls_percent_reflns_obs                    84.07 
_refine.ls_R_factor_obs                          0.22594 
_refine.ls_R_factor_all                          ? 
_refine.ls_R_factor_R_work                       0.22170 
_refine.ls_R_factor_R_free                       0.26542 
_refine.ls_R_factor_R_free_error                 ? 
_refine.ls_R_factor_R_free_error_details         ? 
_refine.ls_percent_reflns_R_free                 9.8 
_refine.ls_number_reflns_R_free                  513 
_refine.ls_number_parameters                     ? 
_refine.ls_number_restraints                     ? 
_refine.occupancy_min                            ? 
_refine.occupancy_max                            ? 
_refine.correlation_coeff_Fo_to_Fc               0.952 
_refine.correlation_coeff_Fo_to_Fc_free          0.925 
_refine.B_iso_mean                               8.131 
_refine.aniso_B[1][1]                            -1.05 
_refine.aniso_B[2][2]                            0.07 
_refine.aniso_B[3][3]                            0.99 
_refine.aniso_B[1][2]                            0.00 
_refine.aniso_B[1][3]                            0.00 
_refine.aniso_B[2][3]                            0.00 
_refine.solvent_model_details                    MASK 
_refine.solvent_model_param_ksol                 ? 
_refine.solvent_model_param_bsol                 ? 
_refine.pdbx_solvent_vdw_probe_radii             1.20 
_refine.pdbx_solvent_ion_probe_radii             0.80 
_refine.pdbx_solvent_shrinkage_radii             0.80 
_refine.pdbx_ls_cross_valid_method               THROUGHOUT 
_refine.details                                  'HYDROGENS HAVE BEEN ADDED IN THE RIDING POSITIONS' 
_refine.pdbx_starting_model                      'ideal beta strand' 
_refine.pdbx_method_to_determine_struct          'MOLECULAR REPLACEMENT' 
_refine.pdbx_isotropic_thermal_model             ? 
_refine.pdbx_stereochemistry_target_values       'MAXIMUM LIKELIHOOD' 
_refine.pdbx_stereochem_target_val_spec_case     ? 
_refine.pdbx_R_Free_selection_details            RANDOM 
_refine.pdbx_overall_ESU_R                       0.121 
_refine.pdbx_overall_ESU_R_Free                  0.118 
_refine.overall_SU_ML                            0.067 
_refine.overall_SU_B                             1.673 
_refine.ls_redundancy_reflns_obs                 ? 
_refine.B_iso_min                                ? 
_refine.B_iso_max                                ? 
_refine.overall_SU_R_Cruickshank_DPI             ? 
_refine.overall_SU_R_free                        ? 
_refine.ls_wR_factor_R_free                      ? 
_refine.ls_wR_factor_R_work                      ? 
_refine.overall_FOM_free_R_set                   ? 
_refine.overall_FOM_work_R_set                   ? 
_refine.pdbx_overall_phase_error                 ? 
_refine.pdbx_refine_id                           'X-RAY DIFFRACTION' 
_refine.pdbx_diffrn_id                           1 
_refine.pdbx_TLS_residual_ADP_flag               ? 
_refine.pdbx_overall_SU_R_free_Cruickshank_DPI   ? 
_refine.pdbx_overall_SU_R_Blow_DPI               ? 
_refine.pdbx_overall_SU_R_free_Blow_DPI          ? 
# 
_refine_hist.pdbx_refine_id                   'X-RAY DIFFRACTION' 
_refine_hist.cycle_id                         LAST 
_refine_hist.pdbx_number_atoms_protein        328 
_refine_hist.pdbx_number_atoms_nucleic_acid   0 
_refine_hist.pdbx_number_atoms_ligand         0 
_refine_hist.number_atoms_solvent             67 
_refine_hist.number_atoms_total               395 
_refine_hist.d_res_high                       1.40 
_refine_hist.d_res_low                        43.0 
# 
loop_
_refine_ls_restr.type 
_refine_ls_restr.dev_ideal 
_refine_ls_restr.dev_ideal_target 
_refine_ls_restr.weight 
_refine_ls_restr.number 
_refine_ls_restr.pdbx_refine_id 
_refine_ls_restr.pdbx_restraint_function 
r_bond_refined_d       0.003 0.022  ? 320 'X-RAY DIFFRACTION' ? 
r_bond_other_d         0.001 0.020  ? 176 'X-RAY DIFFRACTION' ? 
r_angle_refined_deg    0.788 2.080  ? 432 'X-RAY DIFFRACTION' ? 
r_angle_other_deg      0.653 3.000  ? 456 'X-RAY DIFFRACTION' ? 
r_dihedral_angle_1_deg 3.761 5.000  ? 40  'X-RAY DIFFRACTION' ? 
r_dihedral_angle_3_deg 6.201 15.000 ? 56  'X-RAY DIFFRACTION' ? 
r_chiral_restr         0.055 0.200  ? 72  'X-RAY DIFFRACTION' ? 
r_gen_planes_refined   0.001 0.020  ? 312 'X-RAY DIFFRACTION' ? 
r_gen_planes_other     0.000 0.020  ? 40  'X-RAY DIFFRACTION' ? 
r_mcbond_it            0.702 2.000  ? 240 'X-RAY DIFFRACTION' ? 
r_mcbond_other         0.180 2.000  ? 88  'X-RAY DIFFRACTION' ? 
r_mcangle_it           1.215 3.000  ? 384 'X-RAY DIFFRACTION' ? 
r_scbond_it            0.991 2.000  ? 80  'X-RAY DIFFRACTION' ? 
r_scangle_it           1.240 3.000  ? 48  'X-RAY DIFFRACTION' ? 
# 
_refine_ls_shell.pdbx_total_number_of_bins_used   20 
_refine_ls_shell.d_res_high                       1.400 
_refine_ls_shell.d_res_low                        1.436 
_refine_ls_shell.number_reflns_R_work             339 
_refine_ls_shell.R_factor_R_work                  0.308 
_refine_ls_shell.percent_reflns_obs               79.92 
_refine_ls_shell.R_factor_R_free                  0.349 
_refine_ls_shell.R_factor_R_free_error            ? 
_refine_ls_shell.percent_reflns_R_free            ? 
_refine_ls_shell.number_reflns_R_free             39 
_refine_ls_shell.number_reflns_all                ? 
_refine_ls_shell.R_factor_all                     ? 
_refine_ls_shell.number_reflns_obs                ? 
_refine_ls_shell.redundancy_reflns_obs            ? 
_refine_ls_shell.pdbx_refine_id                   'X-RAY DIFFRACTION' 
# 
_struct.entry_id                  3FOD 
_struct.title                     'AILSST segment from Islet Amyloid Polypeptide' 
_struct.pdbx_model_details        ? 
_struct.pdbx_CASP_flag            ? 
_struct.pdbx_model_type_details   ? 
# 
_struct_keywords.entry_id        3FOD 
_struct_keywords.pdbx_keywords   'PROTEIN FIBRIL' 
_struct_keywords.text            'amyloid-like beta strand, PROTEIN FIBRIL' 
# 
loop_
_struct_asym.id 
_struct_asym.pdbx_blank_PDB_chainid_flag 
_struct_asym.pdbx_modified 
_struct_asym.entity_id 
_struct_asym.details 
A N N 1 ? 
B N N 1 ? 
C N N 1 ? 
D N N 1 ? 
E N N 1 ? 
F N N 1 ? 
G N N 1 ? 
H N N 1 ? 
I N N 2 ? 
J N N 2 ? 
K N N 2 ? 
L N N 2 ? 
M N N 2 ? 
N N N 2 ? 
O N N 2 ? 
P N N 2 ? 
# 
_struct_ref.id                         1 
_struct_ref.db_name                    PDB 
_struct_ref.db_code                    3FOD 
_struct_ref.pdbx_db_accession          3FOD 
_struct_ref.entity_id                  1 
_struct_ref.pdbx_align_begin           ? 
_struct_ref.pdbx_seq_one_letter_code   ? 
_struct_ref.pdbx_db_isoform            ? 
# 
loop_
_struct_ref_seq.align_id 
_struct_ref_seq.ref_id 
_struct_ref_seq.pdbx_PDB_id_code 
_struct_ref_seq.pdbx_strand_id 
_struct_ref_seq.seq_align_beg 
_struct_ref_seq.pdbx_seq_align_beg_ins_code 
_struct_ref_seq.seq_align_end 
_struct_ref_seq.pdbx_seq_align_end_ins_code 
_struct_ref_seq.pdbx_db_accession 
_struct_ref_seq.db_align_beg 
_struct_ref_seq.pdbx_db_align_beg_ins_code 
_struct_ref_seq.db_align_end 
_struct_ref_seq.pdbx_db_align_end_ins_code 
_struct_ref_seq.pdbx_auth_seq_align_beg 
_struct_ref_seq.pdbx_auth_seq_align_end 
1 1 3FOD A 1 ? 6 ? 3FOD 1 ? 6 ? 1 6 
2 1 3FOD B 1 ? 6 ? 3FOD 1 ? 6 ? 1 6 
3 1 3FOD C 1 ? 6 ? 3FOD 1 ? 6 ? 1 6 
4 1 3FOD D 1 ? 6 ? 3FOD 1 ? 6 ? 1 6 
5 1 3FOD E 1 ? 6 ? 3FOD 1 ? 6 ? 1 6 
6 1 3FOD F 1 ? 6 ? 3FOD 1 ? 6 ? 1 6 
7 1 3FOD G 1 ? 6 ? 3FOD 1 ? 6 ? 1 6 
8 1 3FOD H 1 ? 6 ? 3FOD 1 ? 6 ? 1 6 
# 
loop_
_pdbx_struct_assembly.id 
_pdbx_struct_assembly.details 
_pdbx_struct_assembly.method_details 
_pdbx_struct_assembly.oligomeric_details 
_pdbx_struct_assembly.oligomeric_count 
1 author_defined_assembly ? tetrameric 4 
2 author_defined_assembly ? tetrameric 4 
3 author_defined_assembly ? tetrameric 4 
4 author_defined_assembly ? tetrameric 4 
# 
loop_
_pdbx_struct_assembly_gen.assembly_id 
_pdbx_struct_assembly_gen.oper_expression 
_pdbx_struct_assembly_gen.asym_id_list 
1 1,2 A,B,I,J 
2 1,2 C,D,K,L 
3 1,2 E,F,M,N 
4 1,2 G,H,O,P 
# 
loop_
_pdbx_struct_oper_list.id 
_pdbx_struct_oper_list.type 
_pdbx_struct_oper_list.name 
_pdbx_struct_oper_list.symmetry_operation 
_pdbx_struct_oper_list.matrix[1][1] 
_pdbx_struct_oper_list.matrix[1][2] 
_pdbx_struct_oper_list.matrix[1][3] 
_pdbx_struct_oper_list.vector[1] 
_pdbx_struct_oper_list.matrix[2][1] 
_pdbx_struct_oper_list.matrix[2][2] 
_pdbx_struct_oper_list.matrix[2][3] 
_pdbx_struct_oper_list.vector[2] 
_pdbx_struct_oper_list.matrix[3][1] 
_pdbx_struct_oper_list.matrix[3][2] 
_pdbx_struct_oper_list.matrix[3][3] 
_pdbx_struct_oper_list.vector[3] 
1 'identity operation'         1_555 x,y,z   1.0000000000 0.0000000000 0.0000000000 0.0000000000 0.0000000000 1.0000000000 0.0000000000 0.0000000000  0.0000000000 0.0000000000 1.0000000000 0.0000000000  
2 'crystal symmetry operation' 1_655 x+1,y,z 1.0000000000 0.0000000000 0.0000000000 1.4386786758 0.0000000000 1.0000000000 0.0000000000 -6.6653293974 0.0000000000 0.0000000000 1.0000000000 -6.6748297126 
# 
_struct_biol.id        1 
_struct_biol.details   ? 
# 
loop_
_struct_sheet.id 
_struct_sheet.type 
_struct_sheet.number_strands 
_struct_sheet.details 
A ? 2 ? 
B ? 2 ? 
C ? 2 ? 
D ? 2 ? 
# 
loop_
_struct_sheet_order.sheet_id 
_struct_sheet_order.range_id_1 
_struct_sheet_order.range_id_2 
_struct_sheet_order.offset 
_struct_sheet_order.sense 
A 1 2 ? anti-parallel 
B 1 2 ? anti-parallel 
C 1 2 ? anti-parallel 
D 1 2 ? anti-parallel 
# 
loop_
_struct_sheet_range.sheet_id 
_struct_sheet_range.id 
_struct_sheet_range.beg_label_comp_id 
_struct_sheet_range.beg_label_asym_id 
_struct_sheet_range.beg_label_seq_id 
_struct_sheet_range.pdbx_beg_PDB_ins_code 
_struct_sheet_range.end_label_comp_id 
_struct_sheet_range.end_label_asym_id 
_struct_sheet_range.end_label_seq_id 
_struct_sheet_range.pdbx_end_PDB_ins_code 
_struct_sheet_range.beg_auth_comp_id 
_struct_sheet_range.beg_auth_asym_id 
_struct_sheet_range.beg_auth_seq_id 
_struct_sheet_range.end_auth_comp_id 
_struct_sheet_range.end_auth_asym_id 
_struct_sheet_range.end_auth_seq_id 
A 1 ILE A 2 ? SER A 5 ? ILE A 2 SER A 5 
A 2 ILE B 2 ? SER B 5 ? ILE B 2 SER B 5 
B 1 ILE C 2 ? SER C 5 ? ILE C 2 SER C 5 
B 2 ILE D 2 ? SER D 5 ? ILE D 2 SER D 5 
C 1 ILE E 2 ? SER E 5 ? ILE E 2 SER E 5 
C 2 ILE F 2 ? SER F 5 ? ILE F 2 SER F 5 
D 1 ILE G 2 ? SER G 5 ? ILE G 2 SER G 5 
D 2 ILE H 2 ? SER H 5 ? ILE H 2 SER H 5 
# 
loop_
_pdbx_struct_sheet_hbond.sheet_id 
_pdbx_struct_sheet_hbond.range_id_1 
_pdbx_struct_sheet_hbond.range_id_2 
_pdbx_struct_sheet_hbond.range_1_label_atom_id 
_pdbx_struct_sheet_hbond.range_1_label_comp_id 
_pdbx_struct_sheet_hbond.range_1_label_asym_id 
_pdbx_struct_sheet_hbond.range_1_label_seq_id 
_pdbx_struct_sheet_hbond.range_1_PDB_ins_code 
_pdbx_struct_sheet_hbond.range_1_auth_atom_id 
_pdbx_struct_sheet_hbond.range_1_auth_comp_id 
_pdbx_struct_sheet_hbond.range_1_auth_asym_id 
_pdbx_struct_sheet_hbond.range_1_auth_seq_id 
_pdbx_struct_sheet_hbond.range_2_label_atom_id 
_pdbx_struct_sheet_hbond.range_2_label_comp_id 
_pdbx_struct_sheet_hbond.range_2_label_asym_id 
_pdbx_struct_sheet_hbond.range_2_label_seq_id 
_pdbx_struct_sheet_hbond.range_2_PDB_ins_code 
_pdbx_struct_sheet_hbond.range_2_auth_atom_id 
_pdbx_struct_sheet_hbond.range_2_auth_comp_id 
_pdbx_struct_sheet_hbond.range_2_auth_asym_id 
_pdbx_struct_sheet_hbond.range_2_auth_seq_id 
A 1 2 N LEU A 3 ? N LEU A 3 O SER B 4 ? O SER B 4 
B 1 2 N SER C 5 ? N SER C 5 O ILE D 2 ? O ILE D 2 
C 1 2 N SER E 5 ? N SER E 5 O ILE F 2 ? O ILE F 2 
D 1 2 N SER G 5 ? N SER G 5 O ILE H 2 ? O ILE H 2 
# 
loop_
_chem_comp_atom.comp_id 
_chem_comp_atom.atom_id 
_chem_comp_atom.type_symbol 
_chem_comp_atom.pdbx_aromatic_flag 
_chem_comp_atom.pdbx_stereo_config 
_chem_comp_atom.pdbx_ordinal 
ALA N    N N N 1  
ALA CA   C N S 2  
ALA C    C N N 3  
ALA O    O N N 4  
ALA CB   C N N 5  
ALA OXT  O N N 6  
ALA H    H N N 7  
ALA H2   H N N 8  
ALA HA   H N N 9  
ALA HB1  H N N 10 
ALA HB2  H N N 11 
ALA HB3  H N N 12 
ALA HXT  H N N 13 
HOH O    O N N 14 
HOH H1   H N N 15 
HOH H2   H N N 16 
ILE N    N N N 17 
ILE CA   C N S 18 
ILE C    C N N 19 
ILE O    O N N 20 
ILE CB   C N S 21 
ILE CG1  C N N 22 
ILE CG2  C N N 23 
ILE CD1  C N N 24 
ILE OXT  O N N 25 
ILE H    H N N 26 
ILE H2   H N N 27 
ILE HA   H N N 28 
ILE HB   H N N 29 
ILE HG12 H N N 30 
ILE HG13 H N N 31 
ILE HG21 H N N 32 
ILE HG22 H N N 33 
ILE HG23 H N N 34 
ILE HD11 H N N 35 
ILE HD12 H N N 36 
ILE HD13 H N N 37 
ILE HXT  H N N 38 
LEU N    N N N 39 
LEU CA   C N S 40 
LEU C    C N N 41 
LEU O    O N N 42 
LEU CB   C N N 43 
LEU CG   C N N 44 
LEU CD1  C N N 45 
LEU CD2  C N N 46 
LEU OXT  O N N 47 
LEU H    H N N 48 
LEU H2   H N N 49 
LEU HA   H N N 50 
LEU HB2  H N N 51 
LEU HB3  H N N 52 
LEU HG   H N N 53 
LEU HD11 H N N 54 
LEU HD12 H N N 55 
LEU HD13 H N N 56 
LEU HD21 H N N 57 
LEU HD22 H N N 58 
LEU HD23 H N N 59 
LEU HXT  H N N 60 
SER N    N N N 61 
SER CA   C N S 62 
SER C    C N N 63 
SER O    O N N 64 
SER CB   C N N 65 
SER OG   O N N 66 
SER OXT  O N N 67 
SER H    H N N 68 
SER H2   H N N 69 
SER HA   H N N 70 
SER HB2  H N N 71 
SER HB3  H N N 72 
SER HG   H N N 73 
SER HXT  H N N 74 
THR N    N N N 75 
THR CA   C N S 76 
THR C    C N N 77 
THR O    O N N 78 
THR CB   C N R 79 
THR OG1  O N N 80 
THR CG2  C N N 81 
THR OXT  O N N 82 
THR H    H N N 83 
THR H2   H N N 84 
THR HA   H N N 85 
THR HB   H N N 86 
THR HG1  H N N 87 
THR HG21 H N N 88 
THR HG22 H N N 89 
THR HG23 H N N 90 
THR HXT  H N N 91 
# 
loop_
_chem_comp_bond.comp_id 
_chem_comp_bond.atom_id_1 
_chem_comp_bond.atom_id_2 
_chem_comp_bond.value_order 
_chem_comp_bond.pdbx_aromatic_flag 
_chem_comp_bond.pdbx_stereo_config 
_chem_comp_bond.pdbx_ordinal 
ALA N   CA   sing N N 1  
ALA N   H    sing N N 2  
ALA N   H2   sing N N 3  
ALA CA  C    sing N N 4  
ALA CA  CB   sing N N 5  
ALA CA  HA   sing N N 6  
ALA C   O    doub N N 7  
ALA C   OXT  sing N N 8  
ALA CB  HB1  sing N N 9  
ALA CB  HB2  sing N N 10 
ALA CB  HB3  sing N N 11 
ALA OXT HXT  sing N N 12 
HOH O   H1   sing N N 13 
HOH O   H2   sing N N 14 
ILE N   CA   sing N N 15 
ILE N   H    sing N N 16 
ILE N   H2   sing N N 17 
ILE CA  C    sing N N 18 
ILE CA  CB   sing N N 19 
ILE CA  HA   sing N N 20 
ILE C   O    doub N N 21 
ILE C   OXT  sing N N 22 
ILE CB  CG1  sing N N 23 
ILE CB  CG2  sing N N 24 
ILE CB  HB   sing N N 25 
ILE CG1 CD1  sing N N 26 
ILE CG1 HG12 sing N N 27 
ILE CG1 HG13 sing N N 28 
ILE CG2 HG21 sing N N 29 
ILE CG2 HG22 sing N N 30 
ILE CG2 HG23 sing N N 31 
ILE CD1 HD11 sing N N 32 
ILE CD1 HD12 sing N N 33 
ILE CD1 HD13 sing N N 34 
ILE OXT HXT  sing N N 35 
LEU N   CA   sing N N 36 
LEU N   H    sing N N 37 
LEU N   H2   sing N N 38 
LEU CA  C    sing N N 39 
LEU CA  CB   sing N N 40 
LEU CA  HA   sing N N 41 
LEU C   O    doub N N 42 
LEU C   OXT  sing N N 43 
LEU CB  CG   sing N N 44 
LEU CB  HB2  sing N N 45 
LEU CB  HB3  sing N N 46 
LEU CG  CD1  sing N N 47 
LEU CG  CD2  sing N N 48 
LEU CG  HG   sing N N 49 
LEU CD1 HD11 sing N N 50 
LEU CD1 HD12 sing N N 51 
LEU CD1 HD13 sing N N 52 
LEU CD2 HD21 sing N N 53 
LEU CD2 HD22 sing N N 54 
LEU CD2 HD23 sing N N 55 
LEU OXT HXT  sing N N 56 
SER N   CA   sing N N 57 
SER N   H    sing N N 58 
SER N   H2   sing N N 59 
SER CA  C    sing N N 60 
SER CA  CB   sing N N 61 
SER CA  HA   sing N N 62 
SER C   O    doub N N 63 
SER C   OXT  sing N N 64 
SER CB  OG   sing N N 65 
SER CB  HB2  sing N N 66 
SER CB  HB3  sing N N 67 
SER OG  HG   sing N N 68 
SER OXT HXT  sing N N 69 
THR N   CA   sing N N 70 
THR N   H    sing N N 71 
THR N   H2   sing N N 72 
THR CA  C    sing N N 73 
THR CA  CB   sing N N 74 
THR CA  HA   sing N N 75 
THR C   O    doub N N 76 
THR C   OXT  sing N N 77 
THR CB  OG1  sing N N 78 
THR CB  CG2  sing N N 79 
THR CB  HB   sing N N 80 
THR OG1 HG1  sing N N 81 
THR CG2 HG21 sing N N 82 
THR CG2 HG22 sing N N 83 
THR CG2 HG23 sing N N 84 
THR OXT HXT  sing N N 85 
# 
_pdbx_initial_refinement_model.accession_code   ? 
_pdbx_initial_refinement_model.id               1 
_pdbx_initial_refinement_model.entity_id_list   ? 
_pdbx_initial_refinement_model.type             'in silico model' 
_pdbx_initial_refinement_model.source_name      Other 
_pdbx_initial_refinement_model.details          'ideal beta strand' 
# 
_atom_sites.entry_id                    3FOD 
_atom_sites.fract_transf_matrix[1][1]   0.01580104 
_atom_sites.fract_transf_matrix[1][2]   -0.07320546 
_atom_sites.fract_transf_matrix[1][3]   -0.07330980 
_atom_sites.fract_transf_matrix[2][1]   -0.01037780 
_atom_sites.fract_transf_matrix[2][2]   0.00227279 
_atom_sites.fract_transf_matrix[2][3]   -0.00450637 
_atom_sites.fract_transf_matrix[3][1]   0.02107280 
_atom_sites.fract_transf_matrix[3][2]   0.03531172 
_atom_sites.fract_transf_matrix[3][3]   -0.03071947 
_atom_sites.fract_transf_vector[1]      0.274157 
_atom_sites.fract_transf_vector[2]      0.118892 
_atom_sites.fract_transf_vector[3]      -0.192531 
# 
loop_
_atom_type.symbol 
C 
N 
O 
# 
loop_
_atom_site.group_PDB 
_atom_site.id 
_atom_site.type_symbol 
_atom_site.label_atom_id 
_atom_site.label_alt_id 
_atom_site.label_comp_id 
_atom_site.label_asym_id 
_atom_site.label_entity_id 
_atom_site.label_seq_id 
_atom_site.pdbx_PDB_ins_code 
_atom_site.Cartn_x 
_atom_site.Cartn_y 
_atom_site.Cartn_z 
_atom_site.occupancy 
_atom_site.B_iso_or_equiv 
_atom_site.pdbx_formal_charge 
_atom_site.auth_seq_id 
_atom_site.auth_comp_id 
_atom_site.auth_asym_id 
_atom_site.auth_atom_id 
_atom_site.pdbx_PDB_model_num 
ATOM   1   N N   . ALA A 1 1 ? -1.909  -7.385  5.621   1.00 9.82  ? 1  ALA A N   1 
ATOM   2   C CA  . ALA A 1 1 ? -1.037  -7.293  6.824   1.00 10.47 ? 1  ALA A CA  1 
ATOM   3   C C   . ALA A 1 1 ? 0.408   -7.619  6.475   1.00 10.69 ? 1  ALA A C   1 
ATOM   4   O O   . ALA A 1 1 ? 0.671   -8.478  5.631   1.00 10.02 ? 1  ALA A O   1 
ATOM   5   C CB  . ALA A 1 1 ? -1.536  -8.228  7.915   1.00 10.70 ? 1  ALA A CB  1 
ATOM   6   N N   . ILE A 1 2 ? 1.336   -6.927  7.129   1.00 10.86 ? 2  ILE A N   1 
ATOM   7   C CA  . ILE A 1 2 ? 2.763   -7.163  6.943   1.00 11.51 ? 2  ILE A CA  1 
ATOM   8   C C   . ILE A 1 2 ? 3.411   -7.453  8.292   1.00 11.42 ? 2  ILE A C   1 
ATOM   9   O O   . ILE A 1 2 ? 3.149   -6.758  9.276   1.00 12.01 ? 2  ILE A O   1 
ATOM   10  C CB  . ILE A 1 2 ? 3.465   -5.948  6.299   1.00 12.19 ? 2  ILE A CB  1 
ATOM   11  C CG1 . ILE A 1 2 ? 2.872   -5.655  4.918   1.00 12.84 ? 2  ILE A CG1 1 
ATOM   12  C CG2 . ILE A 1 2 ? 4.961   -6.201  6.175   1.00 13.32 ? 2  ILE A CG2 1 
ATOM   13  C CD1 . ILE A 1 2 ? 3.471   -4.436  4.241   1.00 13.33 ? 2  ILE A CD1 1 
ATOM   14  N N   . LEU A 1 3 ? 4.239   -8.494  8.332   1.00 10.67 ? 3  LEU A N   1 
ATOM   15  C CA  . LEU A 1 3 ? 5.022   -8.830  9.518   1.00 10.69 ? 3  LEU A CA  1 
ATOM   16  C C   . LEU A 1 3 ? 6.477   -8.965  9.102   1.00 10.06 ? 3  LEU A C   1 
ATOM   17  O O   . LEU A 1 3 ? 6.797   -9.756  8.215   1.00 9.50  ? 3  LEU A O   1 
ATOM   18  C CB  . LEU A 1 3 ? 4.520   -10.137 10.146  1.00 12.07 ? 3  LEU A CB  1 
ATOM   19  C CG  . LEU A 1 3 ? 5.162   -10.648 11.449  1.00 13.44 ? 3  LEU A CG  1 
ATOM   20  C CD1 . LEU A 1 3 ? 6.515   -11.302 11.199  1.00 14.01 ? 3  LEU A CD1 1 
ATOM   21  C CD2 . LEU A 1 3 ? 5.287   -9.536  12.482  1.00 14.23 ? 3  LEU A CD2 1 
ATOM   22  N N   . SER A 1 4 ? 7.347   -8.177  9.729   1.00 10.14 ? 4  SER A N   1 
ATOM   23  C CA  . SER A 1 4 ? 8.781   -8.241  9.473   1.00 11.09 ? 4  SER A CA  1 
ATOM   24  C C   . SER A 1 4 ? 9.527   -8.516  10.772  1.00 11.52 ? 4  SER A C   1 
ATOM   25  O O   . SER A 1 4 ? 9.292   -7.851  11.778  1.00 11.45 ? 4  SER A O   1 
ATOM   26  C CB  . SER A 1 4 ? 9.274   -6.931  8.858   1.00 11.42 ? 4  SER A CB  1 
ATOM   27  O OG  . SER A 1 4 ? 10.680  -6.956  8.654   1.00 13.27 ? 4  SER A OG  1 
ATOM   28  N N   . SER A 1 5 ? 10.418  -9.504  10.738  1.00 11.65 ? 5  SER A N   1 
ATOM   29  C CA  . SER A 1 5 ? 11.292  -9.817  11.864  1.00 12.56 ? 5  SER A CA  1 
ATOM   30  C C   . SER A 1 5 ? 12.728  -9.862  11.359  1.00 12.76 ? 5  SER A C   1 
ATOM   31  O O   . SER A 1 5 ? 13.032  -10.607 10.428  1.00 12.91 ? 5  SER A O   1 
ATOM   32  C CB  . SER A 1 5 ? 10.907  -11.162 12.479  1.00 13.27 ? 5  SER A CB  1 
ATOM   33  O OG  . SER A 1 5 ? 11.678  -11.429 13.636  1.00 14.54 ? 5  SER A OG  1 
ATOM   34  N N   . THR A 1 6 ? 13.602  -9.062  11.968  1.00 12.90 ? 6  THR A N   1 
ATOM   35  C CA  . THR A 1 6 ? 14.989  -8.934  11.515  1.00 13.88 ? 6  THR A CA  1 
ATOM   36  C C   . THR A 1 6 ? 15.968  -9.003  12.684  1.00 14.44 ? 6  THR A C   1 
ATOM   37  O O   . THR A 1 6 ? 15.643  -8.643  13.813  1.00 15.10 ? 6  THR A O   1 
ATOM   38  C CB  . THR A 1 6 ? 15.204  -7.609  10.753  1.00 14.25 ? 6  THR A CB  1 
ATOM   39  O OG1 . THR A 1 6 ? 14.831  -6.503  11.587  1.00 14.52 ? 6  THR A OG1 1 
ATOM   40  C CG2 . THR A 1 6 ? 14.370  -7.582  9.479   1.00 14.84 ? 6  THR A CG2 1 
ATOM   41  O OXT . THR A 1 6 ? 17.110  -9.433  12.524  1.00 15.01 ? 6  THR A OXT 1 
ATOM   42  N N   . ALA B 1 1 ? 16.183  -13.150 8.367   1.00 11.59 ? 1  ALA B N   1 
ATOM   43  C CA  . ALA B 1 1 ? 14.978  -12.284 8.483   1.00 11.12 ? 1  ALA B CA  1 
ATOM   44  C C   . ALA B 1 1 ? 13.735  -13.017 7.987   1.00 10.92 ? 1  ALA B C   1 
ATOM   45  O O   . ALA B 1 1 ? 13.829  -13.906 7.141   1.00 10.73 ? 1  ALA B O   1 
ATOM   46  C CB  . ALA B 1 1 ? 15.177  -10.998 7.699   1.00 11.58 ? 1  ALA B CB  1 
ATOM   47  N N   . ILE B 1 2 ? 12.578  -12.639 8.528   1.00 11.10 ? 2  ILE B N   1 
ATOM   48  C CA  . ILE B 1 2 ? 11.294  -13.193 8.105   1.00 11.84 ? 2  ILE B CA  1 
ATOM   49  C C   . ILE B 1 2 ? 10.357  -12.066 7.685   1.00 11.58 ? 2  ILE B C   1 
ATOM   50  O O   . ILE B 1 2 ? 10.137  -11.127 8.448   1.00 11.03 ? 2  ILE B O   1 
ATOM   51  C CB  . ILE B 1 2 ? 10.620  -13.997 9.231   1.00 12.92 ? 2  ILE B CB  1 
ATOM   52  C CG1 . ILE B 1 2 ? 11.461  -15.222 9.590   1.00 13.37 ? 2  ILE B CG1 1 
ATOM   53  C CG2 . ILE B 1 2 ? 9.218   -14.436 8.811   1.00 12.78 ? 2  ILE B CG2 1 
ATOM   54  C CD1 . ILE B 1 2 ? 10.951  -15.978 10.802  1.00 14.08 ? 2  ILE B CD1 1 
ATOM   55  N N   . LEU B 1 3 ? 9.816   -12.170 6.473   1.00 11.14 ? 3  LEU B N   1 
ATOM   56  C CA  . LEU B 1 3 ? 8.846   -11.207 5.958   1.00 11.48 ? 3  LEU B CA  1 
ATOM   57  C C   . LEU B 1 3 ? 7.591   -11.954 5.522   1.00 10.71 ? 3  LEU B C   1 
ATOM   58  O O   . LEU B 1 3 ? 7.657   -12.840 4.669   1.00 10.90 ? 3  LEU B O   1 
ATOM   59  C CB  . LEU B 1 3 ? 9.441   -10.428 4.780   1.00 12.34 ? 3  LEU B CB  1 
ATOM   60  C CG  . LEU B 1 3 ? 8.663   -9.228  4.221   1.00 13.39 ? 3  LEU B CG  1 
ATOM   61  C CD1 . LEU B 1 3 ? 7.397   -9.658  3.492   1.00 13.74 ? 3  LEU B CD1 1 
ATOM   62  C CD2 . LEU B 1 3 ? 8.334   -8.231  5.328   1.00 13.84 ? 3  LEU B CD2 1 
ATOM   63  N N   . SER B 1 4 ? 6.456   -11.596 6.119   1.00 10.21 ? 4  SER B N   1 
ATOM   64  C CA  . SER B 1 4 ? 5.169   -12.190 5.783   1.00 10.91 ? 4  SER B CA  1 
ATOM   65  C C   . SER B 1 4 ? 4.201   -11.103 5.331   1.00 10.81 ? 4  SER B C   1 
ATOM   66  O O   . SER B 1 4 ? 3.855   -10.218 6.109   1.00 10.05 ? 4  SER B O   1 
ATOM   67  C CB  . SER B 1 4 ? 4.596   -12.923 6.995   1.00 12.04 ? 4  SER B CB  1 
ATOM   68  O OG  . SER B 1 4 ? 3.297   -13.424 6.732   1.00 13.05 ? 4  SER B OG  1 
ATOM   69  N N   . SER B 1 5 ? 3.783   -11.174 4.069   1.00 10.17 ? 5  SER B N   1 
ATOM   70  C CA  . SER B 1 5 ? 2.781   -10.268 3.515   1.00 11.19 ? 5  SER B CA  1 
ATOM   71  C C   . SER B 1 5 ? 1.523   -11.075 3.225   1.00 10.95 ? 5  SER B C   1 
ATOM   72  O O   . SER B 1 5 ? 1.556   -12.008 2.423   1.00 10.98 ? 5  SER B O   1 
ATOM   73  C CB  . SER B 1 5 ? 3.302   -9.620  2.231   1.00 11.58 ? 5  SER B CB  1 
ATOM   74  O OG  . SER B 1 5 ? 2.340   -8.750  1.661   1.00 13.51 ? 5  SER B OG  1 
ATOM   75  N N   . THR B 1 6 ? 0.423   -10.727 3.887   1.00 11.36 ? 6  THR B N   1 
ATOM   76  C CA  . THR B 1 6 ? -0.840  -11.444 3.717   1.00 12.15 ? 6  THR B CA  1 
ATOM   77  C C   . THR B 1 6 ? -1.998  -10.486 3.467   1.00 12.92 ? 6  THR B C   1 
ATOM   78  O O   . THR B 1 6 ? -1.862  -9.266  3.591   1.00 13.60 ? 6  THR B O   1 
ATOM   79  C CB  . THR B 1 6 ? -1.164  -12.304 4.952   1.00 12.44 ? 6  THR B CB  1 
ATOM   80  O OG1 . THR B 1 6 ? -1.220  -11.472 6.117   1.00 12.96 ? 6  THR B OG1 1 
ATOM   81  C CG2 . THR B 1 6 ? -0.105  -13.378 5.145   1.00 13.20 ? 6  THR B CG2 1 
ATOM   82  O OXT . THR B 1 6 ? -3.099  -10.920 3.130   1.00 13.96 ? 6  THR B OXT 1 
ATOM   83  N N   . ALA C 1 1 ? -15.113 9.821   -11.695 1.00 12.08 ? 1  ALA C N   1 
ATOM   84  C CA  . ALA C 1 1 ? -13.731 9.472   -12.120 1.00 10.76 ? 1  ALA C CA  1 
ATOM   85  C C   . ALA C 1 1 ? -12.785 9.504   -10.927 1.00 10.91 ? 1  ALA C C   1 
ATOM   86  O O   . ALA C 1 1 ? -12.937 10.336  -10.031 1.00 10.69 ? 1  ALA C O   1 
ATOM   87  C CB  . ALA C 1 1 ? -13.251 10.430  -13.196 1.00 11.33 ? 1  ALA C CB  1 
ATOM   88  N N   . ILE C 1 2 ? -11.813 8.596   -10.924 1.00 10.44 ? 2  ILE C N   1 
ATOM   89  C CA  . ILE C 1 2 ? -10.848 8.490   -9.834  1.00 10.52 ? 2  ILE C CA  1 
ATOM   90  C C   . ILE C 1 2 ? -9.428  8.401   -10.383 1.00 10.18 ? 2  ILE C C   1 
ATOM   91  O O   . ILE C 1 2 ? -9.154  7.599   -11.274 1.00 9.42  ? 2  ILE C O   1 
ATOM   92  C CB  . ILE C 1 2 ? -11.105 7.245   -8.959  1.00 11.40 ? 2  ILE C CB  1 
ATOM   93  C CG1 . ILE C 1 2 ? -12.531 7.254   -8.401  1.00 11.87 ? 2  ILE C CG1 1 
ATOM   94  C CG2 . ILE C 1 2 ? -10.098 7.184   -7.817  1.00 11.93 ? 2  ILE C CG2 1 
ATOM   95  C CD1 . ILE C 1 2 ? -12.864 6.042   -7.553  1.00 12.18 ? 2  ILE C CD1 1 
ATOM   96  N N   . LEU C 1 3 ? -8.539  9.234   -9.846  1.00 9.84  ? 3  LEU C N   1 
ATOM   97  C CA  . LEU C 1 3 ? -7.114  9.174   -10.154 1.00 10.00 ? 3  LEU C CA  1 
ATOM   98  C C   . LEU C 1 3 ? -6.378  8.909   -8.847  1.00 9.37  ? 3  LEU C C   1 
ATOM   99  O O   . LEU C 1 3 ? -6.500  9.684   -7.899  1.00 8.88  ? 3  LEU C O   1 
ATOM   100 C CB  . LEU C 1 3 ? -6.642  10.492  -10.784 1.00 11.16 ? 3  LEU C CB  1 
ATOM   101 C CG  . LEU C 1 3 ? -5.243  10.564  -11.416 1.00 12.64 ? 3  LEU C CG  1 
ATOM   102 C CD1 . LEU C 1 3 ? -4.147  10.493  -10.371 1.00 13.60 ? 3  LEU C CD1 1 
ATOM   103 C CD2 . LEU C 1 3 ? -5.053  9.478   -12.468 1.00 13.54 ? 3  LEU C CD2 1 
ATOM   104 N N   . SER C 1 4 ? -5.632  7.807   -8.793  1.00 9.13  ? 4  SER C N   1 
ATOM   105 C CA  . SER C 1 4 ? -4.854  7.454   -7.609  1.00 10.64 ? 4  SER C CA  1 
ATOM   106 C C   . SER C 1 4 ? -3.391  7.273   -7.992  1.00 10.35 ? 4  SER C C   1 
ATOM   107 O O   . SER C 1 4 ? -3.046  6.327   -8.697  1.00 11.03 ? 4  SER C O   1 
ATOM   108 C CB  . SER C 1 4 ? -5.396  6.173   -6.974  1.00 11.93 ? 4  SER C CB  1 
ATOM   109 O OG  . SER C 1 4 ? -4.720  5.883   -5.762  1.00 14.52 ? 4  SER C OG  1 
ATOM   110 N N   . SER C 1 5 ? -2.545  8.189   -7.524  1.00 10.44 ? 5  SER C N   1 
ATOM   111 C CA  . SER C 1 5 ? -1.112  8.161   -7.797  1.00 10.77 ? 5  SER C CA  1 
ATOM   112 C C   . SER C 1 5 ? -0.351  7.828   -6.516  1.00 10.83 ? 5  SER C C   1 
ATOM   113 O O   . SER C 1 5 ? -0.559  8.470   -5.486  1.00 10.32 ? 5  SER C O   1 
ATOM   114 C CB  . SER C 1 5 ? -0.660  9.519   -8.340  1.00 11.13 ? 5  SER C CB  1 
ATOM   115 O OG  . SER C 1 5 ? 0.744   9.562   -8.527  1.00 12.47 ? 5  SER C OG  1 
ATOM   116 N N   . THR C 1 6 ? 0.525   6.827   -6.587  1.00 10.36 ? 6  THR C N   1 
ATOM   117 C CA  . THR C 1 6 ? 1.318   6.398   -5.434  1.00 11.57 ? 6  THR C CA  1 
ATOM   118 C C   . THR C 1 6 ? 2.756   6.088   -5.841  1.00 12.59 ? 6  THR C C   1 
ATOM   119 O O   . THR C 1 6 ? 3.130   6.190   -7.011  1.00 12.36 ? 6  THR C O   1 
ATOM   120 C CB  . THR C 1 6 ? 0.713   5.146   -4.771  1.00 11.79 ? 6  THR C CB  1 
ATOM   121 O OG1 . THR C 1 6 ? 0.603   4.095   -5.739  1.00 12.20 ? 6  THR C OG1 1 
ATOM   122 C CG2 . THR C 1 6 ? -0.665  5.451   -4.195  1.00 11.91 ? 6  THR C CG2 1 
ATOM   123 O OXT . THR C 1 6 ? 3.586   5.726   -5.008  1.00 14.48 ? 6  THR C OXT 1 
ATOM   124 N N   . ALA D 1 1 ? 1.695   11.007  -2.374  1.00 11.32 ? 1  ALA D N   1 
ATOM   125 C CA  . ALA D 1 1 ? 0.546   10.298  -3.003  1.00 10.98 ? 1  ALA D CA  1 
ATOM   126 C C   . ALA D 1 1 ? -0.614  11.260  -3.205  1.00 10.44 ? 1  ALA D C   1 
ATOM   127 O O   . ALA D 1 1 ? -0.831  12.158  -2.391  1.00 10.41 ? 1  ALA D O   1 
ATOM   128 C CB  . ALA D 1 1 ? 0.113   9.125   -2.143  1.00 11.02 ? 1  ALA D CB  1 
ATOM   129 N N   . ILE D 1 2 ? -1.354  11.068  -4.295  1.00 9.78  ? 2  ILE D N   1 
ATOM   130 C CA  . ILE D 1 2 ? -2.486  11.928  -4.629  1.00 10.00 ? 2  ILE D CA  1 
ATOM   131 C C   . ILE D 1 2 ? -3.700  11.085  -5.006  1.00 9.53  ? 2  ILE D C   1 
ATOM   132 O O   . ILE D 1 2 ? -3.594  10.175  -5.825  1.00 9.35  ? 2  ILE D O   1 
ATOM   133 C CB  . ILE D 1 2 ? -2.160  12.872  -5.807  1.00 10.82 ? 2  ILE D CB  1 
ATOM   134 C CG1 . ILE D 1 2 ? -0.879  13.666  -5.533  1.00 11.33 ? 2  ILE D CG1 1 
ATOM   135 C CG2 . ILE D 1 2 ? -3.323  13.823  -6.058  1.00 10.88 ? 2  ILE D CG2 1 
ATOM   136 C CD1 . ILE D 1 2 ? -0.476  14.589  -6.665  1.00 11.98 ? 2  ILE D CD1 1 
ATOM   137 N N   . LEU D 1 3 ? -4.842  11.388  -4.390  1.00 9.01  ? 3  LEU D N   1 
ATOM   138 C CA  . LEU D 1 3 ? -6.119  10.779  -4.749  1.00 9.20  ? 3  LEU D CA  1 
ATOM   139 C C   . LEU D 1 3 ? -7.061  11.901  -5.161  1.00 8.81  ? 3  LEU D C   1 
ATOM   140 O O   . LEU D 1 3 ? -7.345  12.792  -4.363  1.00 8.91  ? 3  LEU D O   1 
ATOM   141 C CB  . LEU D 1 3 ? -6.704  10.000  -3.564  1.00 10.03 ? 3  LEU D CB  1 
ATOM   142 C CG  . LEU D 1 3 ? -7.917  9.086   -3.804  1.00 11.08 ? 3  LEU D CG  1 
ATOM   143 C CD1 . LEU D 1 3 ? -9.169  9.880   -4.133  1.00 11.66 ? 3  LEU D CD1 1 
ATOM   144 C CD2 . LEU D 1 3 ? -7.628  8.059   -4.900  1.00 11.67 ? 3  LEU D CD2 1 
ATOM   145 N N   . SER D 1 4 ? -7.522  11.867  -6.408  1.00 9.08  ? 4  SER D N   1 
ATOM   146 C CA  . SER D 1 4 ? -8.463  12.862  -6.916  1.00 10.27 ? 4  SER D CA  1 
ATOM   147 C C   . SER D 1 4 ? -9.733  12.171  -7.392  1.00 9.75  ? 4  SER D C   1 
ATOM   148 O O   . SER D 1 4 ? -9.695  11.383  -8.335  1.00 10.22 ? 4  SER D O   1 
ATOM   149 C CB  . SER D 1 4 ? -7.839  13.654  -8.064  1.00 11.13 ? 4  SER D CB  1 
ATOM   150 O OG  . SER D 1 4 ? -8.725  14.657  -8.528  1.00 13.72 ? 4  SER D OG  1 
ATOM   151 N N   . SER D 1 5 ? -10.849 12.471  -6.729  1.00 9.55  ? 5  SER D N   1 
ATOM   152 C CA  . SER D 1 5 ? -12.147 11.892  -7.058  1.00 10.35 ? 5  SER D CA  1 
ATOM   153 C C   . SER D 1 5 ? -13.078 12.985  -7.570  1.00 10.92 ? 5  SER D C   1 
ATOM   154 O O   . SER D 1 5 ? -13.267 14.002  -6.902  1.00 10.42 ? 5  SER D O   1 
ATOM   155 C CB  . SER D 1 5 ? -12.749 11.221  -5.820  1.00 10.74 ? 5  SER D CB  1 
ATOM   156 O OG  . SER D 1 5 ? -14.076 10.785  -6.064  1.00 12.12 ? 5  SER D OG  1 
ATOM   157 N N   . THR D 1 6 ? -13.651 12.772  -8.754  1.00 11.30 ? 6  THR D N   1 
ATOM   158 C CA  . THR D 1 6 ? -14.556 13.740  -9.376  1.00 12.33 ? 6  THR D CA  1 
ATOM   159 C C   . THR D 1 6 ? -15.765 13.046  -9.996  1.00 13.07 ? 6  THR D C   1 
ATOM   160 O O   . THR D 1 6 ? -15.894 11.821  -9.961  1.00 12.91 ? 6  THR D O   1 
ATOM   161 C CB  . THR D 1 6 ? -13.841 14.548  -10.477 1.00 12.87 ? 6  THR D CB  1 
ATOM   162 O OG1 . THR D 1 6 ? -13.287 13.651  -11.448 1.00 13.11 ? 6  THR D OG1 1 
ATOM   163 C CG2 . THR D 1 6 ? -12.730 15.403  -9.884  1.00 12.62 ? 6  THR D CG2 1 
ATOM   164 O OXT . THR D 1 6 ? -16.651 13.694  -10.555 1.00 14.47 ? 6  THR D OXT 1 
ATOM   165 N N   . ALA E 1 1 ? 2.618   -0.882  -3.231  1.00 12.65 ? 1  ALA E N   1 
ATOM   166 C CA  . ALA E 1 1 ? 3.806   -1.769  -3.380  1.00 11.94 ? 1  ALA E CA  1 
ATOM   167 C C   . ALA E 1 1 ? 4.477   -2.002  -2.029  1.00 11.69 ? 1  ALA E C   1 
ATOM   168 O O   . ALA E 1 1 ? 4.366   -1.175  -1.124  1.00 11.67 ? 1  ALA E O   1 
ATOM   169 C CB  . ALA E 1 1 ? 4.796   -1.164  -4.360  1.00 12.78 ? 1  ALA E CB  1 
ATOM   170 N N   . ILE E 1 2 ? 5.160   -3.138  -1.903  1.00 11.09 ? 2  ILE E N   1 
ATOM   171 C CA  . ILE E 1 2 ? 5.923   -3.465  -0.700  1.00 11.43 ? 2  ILE E CA  1 
ATOM   172 C C   . ILE E 1 2 ? 7.389   -3.676  -1.061  1.00 11.22 ? 2  ILE E C   1 
ATOM   173 O O   . ILE E 1 2 ? 7.704   -4.418  -1.989  1.00 9.85  ? 2  ILE E O   1 
ATOM   174 C CB  . ILE E 1 2 ? 5.386   -4.732  -0.007  1.00 12.47 ? 2  ILE E CB  1 
ATOM   175 C CG1 . ILE E 1 2 ? 3.967   -4.495  0.507   1.00 12.55 ? 2  ILE E CG1 1 
ATOM   176 C CG2 . ILE E 1 2 ? 6.290   -5.135  1.154   1.00 12.67 ? 2  ILE E CG2 1 
ATOM   177 C CD1 . ILE E 1 2 ? 3.316   -5.726  1.108   1.00 13.73 ? 2  ILE E CD1 1 
ATOM   178 N N   . LEU E 1 3 ? 8.275   -3.007  -0.327  1.00 10.31 ? 3  LEU E N   1 
ATOM   179 C CA  . LEU E 1 3 ? 9.716   -3.145  -0.508  1.00 11.39 ? 3  LEU E CA  1 
ATOM   180 C C   . LEU E 1 3 ? 10.346  -3.489  0.834   1.00 10.52 ? 3  LEU E C   1 
ATOM   181 O O   . LEU E 1 3 ? 10.238  -2.716  1.787   1.00 10.84 ? 3  LEU E O   1 
ATOM   182 C CB  . LEU E 1 3 ? 10.312  -1.843  -1.045  1.00 12.81 ? 3  LEU E CB  1 
ATOM   183 C CG  . LEU E 1 3 ? 11.825  -1.801  -1.278  1.00 14.18 ? 3  LEU E CG  1 
ATOM   184 C CD1 . LEU E 1 3 ? 12.221  -2.711  -2.432  1.00 15.01 ? 3  LEU E CD1 1 
ATOM   185 C CD2 . LEU E 1 3 ? 12.271  -0.371  -1.534  1.00 15.51 ? 3  LEU E CD2 1 
ATOM   186 N N   . SER E 1 4 ? 10.990  -4.650  0.908   1.00 10.37 ? 4  SER E N   1 
ATOM   187 C CA  . SER E 1 4 ? 11.702  -5.070  2.107   1.00 10.80 ? 4  SER E CA  1 
ATOM   188 C C   . SER E 1 4 ? 13.178  -5.266  1.784   1.00 10.78 ? 4  SER E C   1 
ATOM   189 O O   . SER E 1 4 ? 13.522  -6.046  0.899   1.00 10.33 ? 4  SER E O   1 
ATOM   190 C CB  . SER E 1 4 ? 11.110  -6.371  2.651   1.00 11.44 ? 4  SER E CB  1 
ATOM   191 O OG  . SER E 1 4 ? 11.843  -6.837  3.769   1.00 12.95 ? 4  SER E OG  1 
ATOM   192 N N   . SER E 1 5 ? 14.037  -4.543  2.499   1.00 10.66 ? 5  SER E N   1 
ATOM   193 C CA  . SER E 1 5 ? 15.483  -4.691  2.387   1.00 11.75 ? 5  SER E CA  1 
ATOM   194 C C   . SER E 1 5 ? 16.006  -5.119  3.750   1.00 11.84 ? 5  SER E C   1 
ATOM   195 O O   . SER E 1 5 ? 15.848  -4.392  4.729   1.00 12.53 ? 5  SER E O   1 
ATOM   196 C CB  . SER E 1 5 ? 16.120  -3.368  1.963   1.00 11.83 ? 5  SER E CB  1 
ATOM   197 O OG  . SER E 1 5 ? 17.532  -3.466  1.897   1.00 13.04 ? 5  SER E OG  1 
ATOM   198 N N   . THR E 1 6 ? 16.606  -6.305  3.816   1.00 12.23 ? 6  THR E N   1 
ATOM   199 C CA  . THR E 1 6 ? 17.102  -6.852  5.080   1.00 12.47 ? 6  THR E CA  1 
ATOM   200 C C   . THR E 1 6 ? 18.525  -7.385  4.951   1.00 13.13 ? 6  THR E C   1 
ATOM   201 O O   . THR E 1 6 ? 19.092  -7.458  3.860   1.00 13.38 ? 6  THR E O   1 
ATOM   202 C CB  . THR E 1 6 ? 16.187  -7.981  5.598   1.00 12.06 ? 6  THR E CB  1 
ATOM   203 O OG1 . THR E 1 6 ? 16.151  -9.053  4.648   1.00 12.45 ? 6  THR E OG1 1 
ATOM   204 C CG2 . THR E 1 6 ? 14.774  -7.461  5.832   1.00 12.64 ? 6  THR E CG2 1 
ATOM   205 O OXT . THR E 1 6 ? 19.144  -7.753  5.950   1.00 13.23 ? 6  THR E OXT 1 
ATOM   206 N N   . ALA F 1 1 ? 17.687  -2.560  8.430   1.00 11.39 ? 1  ALA F N   1 
ATOM   207 C CA  . ALA F 1 1 ? 16.618  -3.050  7.517   1.00 11.80 ? 1  ALA F CA  1 
ATOM   208 C C   . ALA F 1 1 ? 15.674  -1.914  7.143   1.00 11.93 ? 1  ALA F C   1 
ATOM   209 O O   . ALA F 1 1 ? 15.477  -0.981  7.922   1.00 11.23 ? 1  ALA F O   1 
ATOM   210 C CB  . ALA F 1 1 ? 15.846  -4.185  8.166   1.00 11.43 ? 1  ALA F CB  1 
ATOM   211 N N   . ILE F 1 2 ? 15.100  -2.001  5.945   1.00 11.67 ? 2  ILE F N   1 
ATOM   212 C CA  . ILE F 1 2 ? 14.142  -1.010  5.459   1.00 12.39 ? 2  ILE F CA  1 
ATOM   213 C C   . ILE F 1 2 ? 12.875  -1.709  4.981   1.00 12.13 ? 2  ILE F C   1 
ATOM   214 O O   . ILE F 1 2 ? 12.944  -2.633  4.173   1.00 12.50 ? 2  ILE F O   1 
ATOM   215 C CB  . ILE F 1 2 ? 14.716  -0.181  4.290   1.00 13.18 ? 2  ILE F CB  1 
ATOM   216 C CG1 . ILE F 1 2 ? 16.026  0.500   4.697   1.00 14.10 ? 2  ILE F CG1 1 
ATOM   217 C CG2 . ILE F 1 2 ? 13.707  0.865   3.834   1.00 13.79 ? 2  ILE F CG2 1 
ATOM   218 C CD1 . ILE F 1 2 ? 16.679  1.280   3.574   1.00 14.93 ? 2  ILE F CD1 1 
ATOM   219 N N   . LEU F 1 3 ? 11.727  -1.271  5.495   1.00 10.75 ? 3  LEU F N   1 
ATOM   220 C CA  . LEU F 1 3 ? 10.425  -1.766  5.056   1.00 11.32 ? 3  LEU F CA  1 
ATOM   221 C C   . LEU F 1 3 ? 9.593   -0.584  4.581   1.00 10.49 ? 3  LEU F C   1 
ATOM   222 O O   . LEU F 1 3 ? 9.359   0.355   5.342   1.00 9.61  ? 3  LEU F O   1 
ATOM   223 C CB  . LEU F 1 3 ? 9.713   -2.487  6.204   1.00 12.50 ? 3  LEU F CB  1 
ATOM   224 C CG  . LEU F 1 3 ? 8.315   -3.065  5.950   1.00 13.82 ? 3  LEU F CG  1 
ATOM   225 C CD1 . LEU F 1 3 ? 8.340   -4.123  4.860   1.00 14.66 ? 3  LEU F CD1 1 
ATOM   226 C CD2 . LEU F 1 3 ? 7.754   -3.639  7.242   1.00 14.70 ? 3  LEU F CD2 1 
ATOM   227 N N   . SER F 1 4 ? 9.158   -0.632  3.324   1.00 10.90 ? 4  SER F N   1 
ATOM   228 C CA  . SER F 1 4 ? 8.323   0.418   2.743   1.00 11.75 ? 4  SER F CA  1 
ATOM   229 C C   . SER F 1 4 ? 7.039   -0.175  2.177   1.00 11.40 ? 4  SER F C   1 
ATOM   230 O O   . SER F 1 4 ? 7.088   -1.045  1.310   1.00 11.20 ? 4  SER F O   1 
ATOM   231 C CB  . SER F 1 4 ? 9.082   1.153   1.636   1.00 12.27 ? 4  SER F CB  1 
ATOM   232 O OG  . SER F 1 4 ? 8.245   2.081   0.962   1.00 13.84 ? 4  SER F OG  1 
ATOM   233 N N   . SER F 1 5 ? 5.898   0.298   2.674   1.00 10.89 ? 5  SER F N   1 
ATOM   234 C CA  . SER F 1 5 ? 4.592   -0.087  2.148   1.00 11.49 ? 5  SER F CA  1 
ATOM   235 C C   . SER F 1 5 ? 3.885   1.151   1.606   1.00 11.95 ? 5  SER F C   1 
ATOM   236 O O   . SER F 1 5 ? 3.726   2.138   2.325   1.00 11.64 ? 5  SER F O   1 
ATOM   237 C CB  . SER F 1 5 ? 3.748   -0.733  3.246   1.00 12.19 ? 5  SER F CB  1 
ATOM   238 O OG  . SER F 1 5 ? 2.492   -1.149  2.740   1.00 12.87 ? 5  SER F OG  1 
ATOM   239 N N   . THR F 1 6 ? 3.470   1.097   0.341   1.00 11.97 ? 6  THR F N   1 
ATOM   240 C CA  . THR F 1 6 ? 2.817   2.231   -0.317  1.00 13.22 ? 6  THR F CA  1 
ATOM   241 C C   . THR F 1 6 ? 1.537   1.800   -1.024  1.00 13.81 ? 6  THR F C   1 
ATOM   242 O O   . THR F 1 6 ? 1.339   0.626   -1.343  1.00 14.24 ? 6  THR F O   1 
ATOM   243 C CB  . THR F 1 6 ? 3.758   2.904   -1.340  1.00 13.88 ? 6  THR F CB  1 
ATOM   244 O OG1 . THR F 1 6 ? 4.211   1.936   -2.294  1.00 13.99 ? 6  THR F OG1 1 
ATOM   245 C CG2 . THR F 1 6 ? 4.962   3.518   -0.636  1.00 14.42 ? 6  THR F CG2 1 
ATOM   246 O OXT . THR F 1 6 ? 0.662   2.621   -1.291  1.00 15.23 ? 6  THR F OXT 1 
ATOM   247 N N   . ALA G 1 1 ? -19.575 4.296   -3.590  1.00 12.42 ? 1  ALA G N   1 
ATOM   248 C CA  . ALA G 1 1 ? -18.781 3.899   -2.392  1.00 12.04 ? 1  ALA G CA  1 
ATOM   249 C C   . ALA G 1 1 ? -17.307 3.781   -2.760  1.00 11.85 ? 1  ALA G C   1 
ATOM   250 O O   . ALA G 1 1 ? -16.901 2.816   -3.406  1.00 11.46 ? 1  ALA G O   1 
ATOM   251 C CB  . ALA G 1 1 ? -19.294 2.582   -1.831  1.00 12.92 ? 1  ALA G CB  1 
ATOM   252 N N   . ILE G 1 2 ? -16.515 4.770   -2.350  1.00 11.17 ? 2  ILE G N   1 
ATOM   253 C CA  . ILE G 1 2 ? -15.094 4.818   -2.673  1.00 11.24 ? 2  ILE G CA  1 
ATOM   254 C C   . ILE G 1 2 ? -14.261 4.614   -1.413  1.00 10.58 ? 2  ILE G C   1 
ATOM   255 O O   . ILE G 1 2 ? -14.528 5.234   -0.384  1.00 10.50 ? 2  ILE G O   1 
ATOM   256 C CB  . ILE G 1 2 ? -14.716 6.167   -3.317  1.00 12.26 ? 2  ILE G CB  1 
ATOM   257 C CG1 . ILE G 1 2 ? -15.418 6.320   -4.667  1.00 12.75 ? 2  ILE G CG1 1 
ATOM   258 C CG2 . ILE G 1 2 ? -13.206 6.277   -3.499  1.00 12.44 ? 2  ILE G CG2 1 
ATOM   259 C CD1 . ILE G 1 2 ? -15.278 7.696   -5.270  1.00 13.86 ? 2  ILE G CD1 1 
ATOM   260 N N   . LEU G 1 3 ? -13.265 3.736   -1.498  1.00 9.33  ? 3  LEU G N   1 
ATOM   261 C CA  . LEU G 1 3 ? -12.299 3.548   -0.416  1.00 9.78  ? 3  LEU G CA  1 
ATOM   262 C C   . LEU G 1 3 ? -10.886 3.548   -0.986  1.00 9.30  ? 3  LEU G C   1 
ATOM   263 O O   . LEU G 1 3 ? -10.568 2.746   -1.862  1.00 8.88  ? 3  LEU G O   1 
ATOM   264 C CB  . LEU G 1 3 ? -12.562 2.239   0.333   1.00 11.22 ? 3  LEU G CB  1 
ATOM   265 C CG  . LEU G 1 3 ? -11.663 1.949   1.541   1.00 12.17 ? 3  LEU G CG  1 
ATOM   266 C CD1 . LEU G 1 3 ? -11.819 3.016   2.615   1.00 11.85 ? 3  LEU G CD1 1 
ATOM   267 C CD2 . LEU G 1 3 ? -11.965 0.570   2.110   1.00 12.48 ? 3  LEU G CD2 1 
ATOM   268 N N   . SER G 1 4 ? -10.054 4.461   -0.487  1.00 9.69  ? 4  SER G N   1 
ATOM   269 C CA  . SER G 1 4 ? -8.645  4.534   -0.862  1.00 9.57  ? 4  SER G CA  1 
ATOM   270 C C   . SER G 1 4 ? -7.792  4.291   0.377   1.00 9.66  ? 4  SER G C   1 
ATOM   271 O O   . SER G 1 4 ? -8.014  4.912   1.413   1.00 8.64  ? 4  SER G O   1 
ATOM   272 C CB  . SER G 1 4 ? -8.323  5.909   -1.453  1.00 9.89  ? 4  SER G CB  1 
ATOM   273 O OG  . SER G 1 4 ? -6.939  6.046   -1.722  1.00 10.85 ? 4  SER G OG  1 
ATOM   274 N N   . SER G 1 5 ? -6.833  3.377   0.270   1.00 9.54  ? 5  SER G N   1 
ATOM   275 C CA  . SER G 1 5 ? -5.856  3.153   1.332   1.00 10.93 ? 5  SER G CA  1 
ATOM   276 C C   . SER G 1 5 ? -4.470  3.000   0.716   1.00 11.37 ? 5  SER G C   1 
ATOM   277 O O   . SER G 1 5 ? -4.208  2.029   0.004   1.00 11.03 ? 5  SER G O   1 
ATOM   278 C CB  . SER G 1 5 ? -6.219  1.915   2.154   1.00 12.01 ? 5  SER G CB  1 
ATOM   279 O OG  . SER G 1 5 ? -5.352  1.776   3.266   1.00 13.95 ? 5  SER G OG  1 
ATOM   280 N N   . THR G 1 6 ? -3.594  3.967   0.984   1.00 13.16 ? 6  THR G N   1 
ATOM   281 C CA  . THR G 1 6 ? -2.249  3.983   0.411   1.00 14.61 ? 6  THR G CA  1 
ATOM   282 C C   . THR G 1 6 ? -1.189  4.160   1.495   1.00 15.38 ? 6  THR G C   1 
ATOM   283 O O   . THR G 1 6 ? -1.485  4.556   2.621   1.00 16.39 ? 6  THR G O   1 
ATOM   284 C CB  . THR G 1 6 ? -2.096  5.117   -0.625  1.00 15.10 ? 6  THR G CB  1 
ATOM   285 O OG1 . THR G 1 6 ? -2.270  6.387   0.017   1.00 16.09 ? 6  THR G OG1 1 
ATOM   286 C CG2 . THR G 1 6 ? -3.123  4.969   -1.742  1.00 15.26 ? 6  THR G CG2 1 
ATOM   287 O OXT . THR G 1 6 ? -0.006  3.907   1.268   1.00 15.91 ? 6  THR G OXT 1 
ATOM   288 N N   . ALA H 1 1 ? -1.130  -0.084  -2.117  1.00 11.78 ? 1  ALA H N   1 
ATOM   289 C CA  . ALA H 1 1 ? -2.081  0.925   -2.660  1.00 11.64 ? 1  ALA H CA  1 
ATOM   290 C C   . ALA H 1 1 ? -3.381  0.241   -3.063  1.00 11.01 ? 1  ALA H C   1 
ATOM   291 O O   . ALA H 1 1 ? -3.423  -0.487  -4.057  1.00 10.51 ? 1  ALA H O   1 
ATOM   292 C CB  . ALA H 1 1 ? -1.467  1.642   -3.852  1.00 12.51 ? 1  ALA H CB  1 
ATOM   293 N N   . ILE H 1 2 ? -4.434  0.473   -2.283  1.00 11.00 ? 2  ILE H N   1 
ATOM   294 C CA  . ILE H 1 2 ? -5.734  -0.152  -2.511  1.00 10.72 ? 2  ILE H CA  1 
ATOM   295 C C   . ILE H 1 2 ? -6.759  0.904   -2.911  1.00 9.86  ? 2  ILE H C   1 
ATOM   296 O O   . ILE H 1 2 ? -6.876  1.936   -2.253  1.00 10.54 ? 2  ILE H O   1 
ATOM   297 C CB  . ILE H 1 2 ? -6.232  -0.880  -1.243  1.00 11.61 ? 2  ILE H CB  1 
ATOM   298 C CG1 . ILE H 1 2 ? -5.301  -2.045  -0.903  1.00 12.16 ? 2  ILE H CG1 1 
ATOM   299 C CG2 . ILE H 1 2 ? -7.660  -1.384  -1.432  1.00 11.93 ? 2  ILE H CG2 1 
ATOM   300 C CD1 . ILE H 1 2 ? -5.643  -2.749  0.392   1.00 12.97 ? 2  ILE H CD1 1 
ATOM   301 N N   . LEU H 1 3 ? -7.490  0.641   -3.993  1.00 8.79  ? 3  LEU H N   1 
ATOM   302 C CA  . LEU H 1 3 ? -8.586  1.507   -4.425  1.00 9.05  ? 3  LEU H CA  1 
ATOM   303 C C   . LEU H 1 3 ? -9.819  0.657   -4.719  1.00 7.98  ? 3  LEU H C   1 
ATOM   304 O O   . LEU H 1 3 ? -9.765  -0.247  -5.552  1.00 8.08  ? 3  LEU H O   1 
ATOM   305 C CB  . LEU H 1 3 ? -8.182  2.312   -5.667  1.00 10.26 ? 3  LEU H CB  1 
ATOM   306 C CG  . LEU H 1 3 ? -9.132  3.404   -6.186  1.00 10.88 ? 3  LEU H CG  1 
ATOM   307 C CD1 . LEU H 1 3 ? -10.285 2.818   -6.987  1.00 11.46 ? 3  LEU H CD1 1 
ATOM   308 C CD2 . LEU H 1 3 ? -9.658  4.281   -5.056  1.00 10.45 ? 3  LEU H CD2 1 
ATOM   309 N N   . SER H 1 4 ? -10.915 0.947   -4.021  1.00 7.88  ? 4  SER H N   1 
ATOM   310 C CA  . SER H 1 4 ? -12.191 0.261   -4.223  1.00 8.42  ? 4  SER H CA  1 
ATOM   311 C C   . SER H 1 4 ? -13.255 1.276   -4.615  1.00 8.19  ? 4  SER H C   1 
ATOM   312 O O   . SER H 1 4 ? -13.404 2.305   -3.955  1.00 8.34  ? 4  SER H O   1 
ATOM   313 C CB  . SER H 1 4 ? -12.615 -0.468  -2.945  1.00 9.41  ? 4  SER H CB  1 
ATOM   314 O OG  . SER H 1 4 ? -13.922 -1.013  -3.063  1.00 10.49 ? 4  SER H OG  1 
ATOM   315 N N   . SER H 1 5 ? -13.978 0.991   -5.694  1.00 8.81  ? 5  SER H N   1 
ATOM   316 C CA  . SER H 1 5 ? -15.088 1.836   -6.131  1.00 10.42 ? 5  SER H CA  1 
ATOM   317 C C   . SER H 1 5 ? -16.255 0.958   -6.567  1.00 11.36 ? 5  SER H C   1 
ATOM   318 O O   . SER H 1 5 ? -16.168 0.264   -7.581  1.00 11.41 ? 5  SER H O   1 
ATOM   319 C CB  . SER H 1 5 ? -14.653 2.749   -7.277  1.00 10.95 ? 5  SER H CB  1 
ATOM   320 O OG  . SER H 1 5 ? -15.716 3.597   -7.676  1.00 13.23 ? 5  SER H OG  1 
ATOM   321 N N   . THR H 1 6 ? -17.339 0.988   -5.793  1.00 12.81 ? 6  THR H N   1 
ATOM   322 C CA  . THR H 1 6 ? -18.517 0.162   -6.063  1.00 14.04 ? 6  THR H CA  1 
ATOM   323 C C   . THR H 1 6 ? -19.789 1.003   -6.081  1.00 14.79 ? 6  THR H C   1 
ATOM   324 O O   . THR H 1 6 ? -19.851 2.091   -5.508  1.00 16.27 ? 6  THR H O   1 
ATOM   325 C CB  . THR H 1 6 ? -18.674 -0.964  -5.015  1.00 14.32 ? 6  THR H CB  1 
ATOM   326 O OG1 . THR H 1 6 ? -19.008 -0.404  -3.739  1.00 15.40 ? 6  THR H OG1 1 
ATOM   327 C CG2 . THR H 1 6 ? -17.388 -1.775  -4.896  1.00 14.26 ? 6  THR H CG2 1 
ATOM   328 O OXT . THR H 1 6 ? -20.791 0.607   -6.677  1.00 16.00 ? 6  THR H OXT 1 
HETATM 329 O O   . HOH I 2 . ? -2.688  -4.024  2.674   1.00 20.46 ? 7  HOH A O   1 
HETATM 330 O O   . HOH I 2 . ? 13.705  -10.309 15.201  1.00 26.61 ? 8  HOH A O   1 
HETATM 331 O O   . HOH I 2 . ? 17.278  -4.776  14.759  1.00 27.67 ? 9  HOH A O   1 
HETATM 332 O O   . HOH I 2 . ? 13.470  -13.771 12.145  1.00 28.14 ? 10 HOH A O   1 
HETATM 333 O O   . HOH I 2 . ? 11.800  -9.121  7.487   1.00 32.63 ? 11 HOH A O   1 
HETATM 334 O O   . HOH I 2 . ? -0.722  -5.269  4.013   1.00 21.62 ? 12 HOH A O   1 
HETATM 335 O O   . HOH I 2 . ? 16.737  -4.521  11.866  1.00 19.16 ? 13 HOH A O   1 
HETATM 336 O O   . HOH I 2 . ? 17.989  -9.377  9.690   1.00 18.11 ? 14 HOH A O   1 
HETATM 337 O O   . HOH I 2 . ? 12.135  -5.677  11.177  1.00 26.25 ? 15 HOH A O   1 
HETATM 338 O O   . HOH I 2 . ? 15.227  -12.062 13.137  1.00 24.05 ? 16 HOH A O   1 
HETATM 339 O O   . HOH I 2 . ? 11.854  -4.588  8.517   1.00 21.17 ? 17 HOH A O   1 
HETATM 340 O O   . HOH J 2 . ? 1.117   -9.955  -0.605  1.00 18.01 ? 12 HOH B O   1 
HETATM 341 O O   . HOH J 2 . ? -4.118  -6.944  0.595   1.00 21.64 ? 13 HOH B O   1 
HETATM 342 O O   . HOH J 2 . ? -3.325  -13.562 2.455   1.00 13.96 ? 14 HOH B O   1 
HETATM 343 O O   . HOH J 2 . ? 15.090  -14.899 10.220  1.00 22.28 ? 15 HOH B O   1 
HETATM 344 O O   . HOH J 2 . ? 1.320   -11.175 7.472   1.00 19.18 ? 16 HOH B O   1 
HETATM 345 O O   . HOH J 2 . ? 0.860   -10.576 10.088  1.00 22.21 ? 17 HOH B O   1 
HETATM 346 O O   . HOH J 2 . ? 0.169   -7.397  2.544   1.00 18.90 ? 18 HOH B O   1 
HETATM 347 O O   . HOH K 2 . ? 2.829   7.932   -9.062  1.00 16.79 ? 19 HOH C O   1 
HETATM 348 O O   . HOH K 2 . ? -3.648  7.760   -4.089  1.00 16.69 ? 20 HOH C O   1 
HETATM 349 O O   . HOH K 2 . ? 1.659   2.206   -4.109  1.00 98.85 ? 21 HOH C O   1 
HETATM 350 O O   . HOH K 2 . ? -2.110  1.594   -8.092  1.00 14.97 ? 22 HOH C O   1 
HETATM 351 O O   . HOH K 2 . ? -9.145  9.288   -13.683 1.00 16.33 ? 23 HOH C O   1 
HETATM 352 O O   . HOH K 2 . ? -16.052 7.670   -9.627  1.00 18.04 ? 24 HOH C O   1 
HETATM 353 O O   . HOH K 2 . ? -14.335 6.036   -11.804 1.00 30.27 ? 25 HOH C O   1 
HETATM 354 O O   . HOH K 2 . ? 4.790   9.771   -5.087  1.00 28.42 ? 26 HOH C O   1 
HETATM 355 O O   . HOH K 2 . ? 1.629   10.966  -6.405  1.00 23.58 ? 27 HOH C O   1 
HETATM 356 O O   . HOH K 2 . ? 4.765   12.025  -8.222  1.00 29.27 ? 28 HOH C O   1 
HETATM 357 O O   . HOH L 2 . ? -3.083  10.817  -0.663  1.00 19.38 ? 29 HOH D O   1 
HETATM 358 O O   . HOH L 2 . ? -10.787 12.563  -10.814 1.00 17.11 ? 30 HOH D O   1 
HETATM 359 O O   . HOH L 2 . ? -15.672 9.878   -8.078  1.00 17.14 ? 31 HOH D O   1 
HETATM 360 O O   . HOH L 2 . ? -18.207 13.308  -6.939  1.00 26.73 ? 32 HOH D O   1 
HETATM 361 O O   . HOH L 2 . ? -17.368 11.533  -3.286  1.00 28.73 ? 33 HOH D O   1 
HETATM 362 O O   . HOH M 2 . ? 1.404   -2.884  -1.755  1.00 20.87 ? 34 HOH E O   1 
HETATM 363 O O   . HOH M 2 . ? 18.127  -7.052  8.359   1.00 12.77 ? 35 HOH E O   1 
HETATM 364 O O   . HOH M 2 . ? 19.315  -5.514  1.648   1.00 19.93 ? 36 HOH E O   1 
HETATM 365 O O   . HOH M 2 . ? 12.082  -5.320  5.981   1.00 22.85 ? 37 HOH E O   1 
HETATM 366 O O   . HOH M 2 . ? 6.632   0.484   -1.271  1.00 23.24 ? 38 HOH E O   1 
HETATM 367 O O   . HOH M 2 . ? 18.734  -2.313  4.089   1.00 27.03 ? 39 HOH E O   1 
HETATM 368 O O   . HOH M 2 . ? 8.221   -0.139  -3.351  1.00 33.78 ? 40 HOH E O   1 
HETATM 369 O O   . HOH N 2 . ? 0.807   1.164   4.175   1.00 27.23 ? 41 HOH F O   1 
HETATM 370 O O   . HOH N 2 . ? 0.917   -2.043  0.759   1.00 29.53 ? 42 HOH F O   1 
HETATM 371 O O   . HOH N 2 . ? 12.725  -1.944  9.059   1.00 22.84 ? 43 HOH F O   1 
HETATM 372 O O   . HOH N 2 . ? 4.130   2.770   -4.954  1.00 19.99 ? 44 HOH F O   1 
HETATM 373 O O   . HOH N 2 . ? 9.384   5.172   -0.458  1.00 20.07 ? 45 HOH F O   1 
HETATM 374 O O   . HOH N 2 . ? 21.633  -0.888  6.728   1.00 19.64 ? 46 HOH F O   1 
HETATM 375 O O   . HOH N 2 . ? 18.949  -0.738  6.513   1.00 19.03 ? 47 HOH F O   1 
HETATM 376 O O   . HOH N 2 . ? 1.442   5.420   -0.895  1.00 18.68 ? 48 HOH F O   1 
HETATM 377 O O   . HOH N 2 . ? 1.922   -1.640  5.708   1.00 45.27 ? 49 HOH F O   1 
HETATM 378 O O   . HOH N 2 . ? 11.120  -3.073  10.676  1.00 42.88 ? 50 HOH F O   1 
HETATM 379 O O   . HOH N 2 . ? 6.930   3.937   2.412   1.00 24.82 ? 51 HOH F O   1 
HETATM 380 O O   . HOH O 2 . ? -5.756  7.357   0.291   1.00 11.08 ? 52 HOH G O   1 
HETATM 381 O O   . HOH O 2 . ? -2.480  0.016   0.672   1.00 22.67 ? 53 HOH G O   1 
HETATM 382 O O   . HOH O 2 . ? -5.445  10.006  1.406   1.00 21.99 ? 54 HOH G O   1 
HETATM 383 O O   . HOH O 2 . ? -15.858 0.688   -1.973  1.00 11.96 ? 55 HOH G O   1 
HETATM 384 O O   . HOH O 2 . ? -16.844 1.477   0.458   1.00 19.61 ? 56 HOH G O   1 
HETATM 385 O O   . HOH O 2 . ? -18.915 7.233   -3.346  1.00 18.47 ? 57 HOH G O   1 
HETATM 386 O O   . HOH O 2 . ? -15.782 3.611   1.896   1.00 23.91 ? 58 HOH G O   1 
HETATM 387 O O   . HOH O 2 . ? -5.901  4.406   -3.616  1.00 24.07 ? 59 HOH G O   1 
HETATM 388 O O   . HOH O 2 . ? 0.053   1.142   1.662   1.00 24.31 ? 60 HOH G O   1 
HETATM 389 O O   . HOH O 2 . ? -2.746  0.242   7.207   1.00 22.30 ? 61 HOH G O   1 
HETATM 390 O O   . HOH O 2 . ? -1.942  -2.599  0.320   1.00 40.34 ? 62 HOH G O   1 
HETATM 391 O O   . HOH O 2 . ? 0.264   6.995   0.800   1.00 32.52 ? 63 HOH G O   1 
HETATM 392 O O   . HOH P 2 . ? -1.805  -3.195  -2.306  1.00 26.24 ? 64 HOH H O   1 
HETATM 393 O O   . HOH P 2 . ? -17.685 -1.399  -1.600  1.00 14.02 ? 65 HOH H O   1 
HETATM 394 O O   . HOH P 2 . ? -18.316 4.272   -6.499  1.00 20.39 ? 66 HOH H O   1 
HETATM 395 O O   . HOH P 2 . ? -18.818 6.889   -6.046  1.00 41.21 ? 67 HOH H O   1 
# 
